data_8YWE
#
_entry.id   8YWE
#
_cell.length_a   1.00
_cell.length_b   1.00
_cell.length_c   1.00
_cell.angle_alpha   90.00
_cell.angle_beta   90.00
_cell.angle_gamma   90.00
#
_symmetry.space_group_name_H-M   'P 1'
#
loop_
_entity.id
_entity.type
_entity.pdbx_description
1 polymer 'Spike protein S1'
2 polymer 'GW01 scFv'
3 polymer '7F3 scFv'
#
loop_
_entity_poly.entity_id
_entity_poly.type
_entity_poly.pdbx_seq_one_letter_code
_entity_poly.pdbx_strand_id
1 'polypeptide(L)'
;RVQPTESIVRFPNVTNLCPFHEVFNATRFASVYAWNRTRISNCVADYSVLYNFAPFFAFKCYGVSPTKLNDLCFTNVYAD
SFVIKGNEVSQIAPGQTGNIADYNYKLPDDFTGCVIAWNSNKLDSKHSGNYDYWYRLFRKSKLKPFERDISTEIYQAGNK
PCKGKGPNCYFPLQSYGFRPTYGVGHQPYRVVVLSFELLHAPATVCGPKKSTNLVKNKCVNF
;
A
2 'polypeptide(L)'
;QSVLTQPPSASGTPGQRVTISCSGSSSNIGSNTVNWYQQLPGTAPKLLIYSNNQRPSGVPDRFSGSKSGTSASLAISGLQ
SEDEADYYCAAWDDSLNWVFGGGTKLTVLGGGGSGGGGSGGGGSEVQLVESGGGVVQPGGSLRLSCAASGFRFDDHAMHW
VRQAPGKGLEWVSVISGDGGSTYYADSVKGRFSISRDDSKNSLYLQMNSLRTEDTALYYCAKDRSYGPPDVFNYEYGMDV
WGQGTTVTVSS
;
B
3 'polypeptide(L)'
;EIVLTQSPATLSLSPGERATLSCRASQSVSSYLAWYQQKPGQAPRLLIYDASNRATGIPARFSGSGSGTDFTLTISSLEP
EDFAVYYCQQRSNWPQYTFGQGTKLEIKGGGGSGGGGSGGGGSEVQLVESGGGLVKPGRSLRLSCTASGFTFGDYAMSWF
RQAPGKGLEWVGFIRSKAYGGTTEYAASVKGRFTISRDDSKSIAYLQMNSLKTEDTAVYYCTRDRYARYDILTGLSPAGA
DYFYYAMDVWGQGTTVTVSS
;
C
#
# COMPACT_ATOMS: atom_id res chain seq x y z
N PRO A 12 -2.65 46.76 -18.12
CA PRO A 12 -2.10 46.01 -19.25
C PRO A 12 -2.83 44.70 -19.50
N ASN A 13 -2.94 44.30 -20.77
CA ASN A 13 -3.60 43.05 -21.10
C ASN A 13 -2.77 41.86 -20.60
N VAL A 14 -3.46 40.85 -20.08
CA VAL A 14 -2.78 39.67 -19.55
C VAL A 14 -2.22 38.85 -20.71
N THR A 15 -0.90 38.69 -20.73
CA THR A 15 -0.22 37.92 -21.77
C THR A 15 0.76 36.97 -21.11
N ASN A 16 1.25 36.00 -21.90
CA ASN A 16 2.23 35.02 -21.46
C ASN A 16 1.74 34.27 -20.21
N LEU A 17 0.65 33.53 -20.37
CA LEU A 17 0.17 32.68 -19.30
C LEU A 17 1.10 31.49 -19.13
N CYS A 18 1.47 31.21 -17.88
CA CYS A 18 2.40 30.12 -17.61
C CYS A 18 1.77 28.80 -18.01
N PRO A 19 2.46 27.97 -18.79
CA PRO A 19 1.84 26.73 -19.30
C PRO A 19 1.70 25.66 -18.23
N PHE A 20 0.69 25.79 -17.37
CA PHE A 20 0.42 24.77 -16.36
C PHE A 20 -0.27 23.55 -16.93
N HIS A 21 -0.93 23.67 -18.10
CA HIS A 21 -1.62 22.53 -18.67
C HIS A 21 -0.64 21.48 -19.20
N GLU A 22 0.54 21.90 -19.63
CA GLU A 22 1.54 20.93 -20.07
C GLU A 22 2.07 20.08 -18.92
N VAL A 23 1.91 20.53 -17.69
CA VAL A 23 2.35 19.78 -16.52
C VAL A 23 1.21 19.00 -15.88
N PHE A 24 0.05 19.65 -15.72
CA PHE A 24 -1.07 18.99 -15.07
C PHE A 24 -1.83 18.08 -16.03
N ASN A 25 -2.04 18.52 -17.27
CA ASN A 25 -2.79 17.75 -18.26
C ASN A 25 -1.88 16.92 -19.17
N ALA A 26 -0.72 16.52 -18.68
CA ALA A 26 0.19 15.72 -19.48
C ALA A 26 -0.30 14.28 -19.57
N THR A 27 0.06 13.62 -20.69
CA THR A 27 -0.37 12.24 -20.91
C THR A 27 0.50 11.26 -20.11
N ARG A 28 1.81 11.46 -20.16
CA ARG A 28 2.76 10.59 -19.47
C ARG A 28 3.37 11.33 -18.29
N PHE A 29 3.32 10.70 -17.12
CA PHE A 29 3.97 11.21 -15.92
C PHE A 29 5.21 10.38 -15.61
N ALA A 30 6.23 11.04 -15.07
CA ALA A 30 7.49 10.38 -14.80
C ALA A 30 7.38 9.56 -13.51
N SER A 31 8.32 8.63 -13.36
CA SER A 31 8.41 7.83 -12.15
C SER A 31 8.96 8.69 -11.00
N VAL A 32 8.80 8.18 -9.78
CA VAL A 32 9.21 8.96 -8.62
C VAL A 32 10.73 9.02 -8.51
N TYR A 33 11.44 8.02 -9.06
CA TYR A 33 12.90 8.05 -9.04
C TYR A 33 13.46 8.96 -10.13
N ALA A 34 12.69 9.20 -11.20
CA ALA A 34 13.13 10.07 -12.28
C ALA A 34 12.13 11.19 -12.48
N TRP A 35 11.71 11.82 -11.39
CA TRP A 35 10.71 12.89 -11.46
C TRP A 35 11.18 14.01 -12.38
N ASN A 36 10.25 14.48 -13.21
CA ASN A 36 10.56 15.50 -14.22
C ASN A 36 10.42 16.89 -13.62
N ARG A 37 11.44 17.71 -13.80
CA ARG A 37 11.46 19.08 -13.29
C ARG A 37 11.27 20.04 -14.44
N THR A 38 10.20 20.83 -14.39
CA THR A 38 9.88 21.81 -15.42
C THR A 38 10.10 23.21 -14.88
N ARG A 39 10.86 24.01 -15.60
CA ARG A 39 11.15 25.39 -15.19
C ARG A 39 10.08 26.32 -15.75
N ILE A 40 9.44 27.08 -14.87
CA ILE A 40 8.40 28.02 -15.24
C ILE A 40 8.93 29.42 -14.91
N SER A 41 9.22 30.20 -15.95
CA SER A 41 9.80 31.53 -15.75
C SER A 41 9.36 32.44 -16.88
N ASN A 42 9.37 33.74 -16.58
CA ASN A 42 9.02 34.78 -17.55
C ASN A 42 7.61 34.58 -18.11
N CYS A 43 6.63 34.56 -17.22
CA CYS A 43 5.24 34.38 -17.61
C CYS A 43 4.35 34.86 -16.48
N VAL A 44 3.07 35.02 -16.79
CA VAL A 44 2.07 35.43 -15.81
C VAL A 44 1.36 34.18 -15.30
N ALA A 45 1.40 33.97 -13.99
CA ALA A 45 0.88 32.75 -13.38
C ALA A 45 -0.48 33.05 -12.74
N ASP A 46 -1.54 32.52 -13.33
CA ASP A 46 -2.88 32.61 -12.78
C ASP A 46 -3.14 31.31 -12.03
N TYR A 47 -3.02 31.35 -10.71
CA TYR A 47 -3.16 30.17 -9.87
C TYR A 47 -4.62 29.77 -9.68
N SER A 48 -5.56 30.40 -10.37
CA SER A 48 -6.95 30.00 -10.32
C SER A 48 -7.30 28.95 -11.37
N VAL A 49 -6.53 28.86 -12.45
CA VAL A 49 -6.79 27.87 -13.49
C VAL A 49 -6.35 26.47 -13.07
N LEU A 50 -5.71 26.33 -11.91
CA LEU A 50 -5.31 25.00 -11.44
C LEU A 50 -6.51 24.12 -11.16
N TYR A 51 -7.58 24.71 -10.59
CA TYR A 51 -8.75 23.93 -10.23
C TYR A 51 -9.58 23.51 -11.44
N ASN A 52 -9.23 23.98 -12.64
CA ASN A 52 -9.97 23.64 -13.84
C ASN A 52 -9.46 22.38 -14.53
N PHE A 53 -8.29 21.87 -14.14
CA PHE A 53 -7.73 20.71 -14.81
C PHE A 53 -8.41 19.42 -14.36
N ALA A 54 -8.33 19.10 -13.07
CA ALA A 54 -8.86 17.86 -12.54
C ALA A 54 -9.27 18.09 -11.10
N PRO A 55 -10.22 17.30 -10.58
CA PRO A 55 -10.58 17.42 -9.16
C PRO A 55 -9.43 16.98 -8.26
N PHE A 56 -8.84 17.93 -7.55
CA PHE A 56 -7.67 17.65 -6.72
C PHE A 56 -8.08 16.92 -5.46
N PHE A 57 -7.22 16.01 -5.01
CA PHE A 57 -7.43 15.30 -3.75
C PHE A 57 -6.70 15.95 -2.59
N ALA A 58 -5.54 16.56 -2.86
CA ALA A 58 -4.77 17.24 -1.83
C ALA A 58 -4.21 18.54 -2.39
N PHE A 59 -4.26 19.58 -1.58
CA PHE A 59 -3.71 20.90 -1.94
C PHE A 59 -3.13 21.49 -0.65
N LYS A 60 -1.85 21.23 -0.42
CA LYS A 60 -1.17 21.72 0.78
C LYS A 60 -0.05 22.68 0.48
N CYS A 61 -0.21 23.93 0.86
CA CYS A 61 0.79 24.96 0.64
C CYS A 61 1.60 25.16 1.90
N TYR A 62 2.93 25.19 1.76
CA TYR A 62 3.84 25.33 2.88
C TYR A 62 4.60 26.64 2.73
N GLY A 63 4.56 27.46 3.78
CA GLY A 63 5.25 28.74 3.78
C GLY A 63 4.49 29.88 3.12
N VAL A 64 3.46 29.58 2.33
CA VAL A 64 2.67 30.61 1.65
C VAL A 64 1.19 30.25 1.79
N SER A 65 0.35 31.23 1.49
CA SER A 65 -1.10 31.02 1.52
C SER A 65 -1.62 30.75 0.11
N PRO A 66 -2.49 29.75 -0.05
CA PRO A 66 -2.96 29.42 -1.40
C PRO A 66 -3.80 30.51 -2.05
N THR A 67 -4.52 31.30 -1.25
CA THR A 67 -5.33 32.37 -1.80
C THR A 67 -4.52 33.61 -2.16
N LYS A 68 -3.37 33.80 -1.51
CA LYS A 68 -2.52 34.96 -1.74
C LYS A 68 -1.44 34.71 -2.78
N LEU A 69 -1.50 33.58 -3.50
CA LEU A 69 -0.46 33.27 -4.47
C LEU A 69 -0.46 34.24 -5.64
N ASN A 70 -1.60 34.87 -5.95
CA ASN A 70 -1.68 35.80 -7.06
C ASN A 70 -1.03 37.15 -6.76
N ASP A 71 -0.65 37.40 -5.52
CA ASP A 71 -0.07 38.69 -5.14
C ASP A 71 1.46 38.68 -5.07
N LEU A 72 2.07 37.51 -4.94
CA LEU A 72 3.51 37.41 -4.78
C LEU A 72 4.20 37.25 -6.12
N CYS A 73 5.29 37.98 -6.31
CA CYS A 73 6.14 37.86 -7.48
C CYS A 73 7.34 36.99 -7.16
N PHE A 74 7.70 36.12 -8.09
CA PHE A 74 8.85 35.24 -7.93
C PHE A 74 9.72 35.30 -9.17
N THR A 75 10.98 34.89 -9.02
CA THR A 75 11.91 34.88 -10.13
C THR A 75 11.63 33.71 -11.07
N ASN A 76 11.55 32.50 -10.52
CA ASN A 76 11.24 31.32 -11.31
C ASN A 76 10.56 30.28 -10.42
N VAL A 77 9.71 29.47 -11.03
CA VAL A 77 8.94 28.44 -10.34
C VAL A 77 9.27 27.10 -10.96
N TYR A 78 9.56 26.11 -10.12
CA TYR A 78 9.87 24.76 -10.56
C TYR A 78 8.70 23.84 -10.25
N ALA A 79 8.28 23.06 -11.23
CA ALA A 79 7.17 22.12 -11.09
C ALA A 79 7.70 20.70 -11.23
N ASP A 80 7.59 19.92 -10.16
CA ASP A 80 8.04 18.54 -10.13
C ASP A 80 6.83 17.62 -10.19
N SER A 81 6.84 16.69 -11.14
CA SER A 81 5.71 15.80 -11.36
C SER A 81 6.19 14.35 -11.34
N PHE A 82 5.41 13.49 -10.67
CA PHE A 82 5.73 12.08 -10.58
C PHE A 82 4.46 11.33 -10.15
N VAL A 83 4.57 10.00 -10.07
CA VAL A 83 3.46 9.14 -9.70
C VAL A 83 3.87 8.29 -8.49
N ILE A 84 2.94 8.14 -7.55
CA ILE A 84 3.13 7.34 -6.35
C ILE A 84 1.80 6.67 -6.02
N LYS A 85 1.81 5.88 -4.94
CA LYS A 85 0.57 5.27 -4.46
C LYS A 85 -0.10 6.17 -3.43
N GLY A 86 -1.30 5.76 -3.02
CA GLY A 86 -2.07 6.56 -2.09
C GLY A 86 -1.47 6.62 -0.69
N ASN A 87 -0.84 5.53 -0.26
CA ASN A 87 -0.25 5.50 1.08
C ASN A 87 1.04 6.31 1.15
N GLU A 88 1.65 6.62 0.02
CA GLU A 88 2.91 7.36 -0.01
C GLU A 88 2.74 8.85 -0.26
N VAL A 89 1.50 9.32 -0.43
CA VAL A 89 1.27 10.75 -0.62
C VAL A 89 1.52 11.51 0.68
N SER A 90 1.49 10.84 1.83
CA SER A 90 1.80 11.49 3.09
C SER A 90 3.28 11.80 3.24
N GLN A 91 4.14 11.12 2.47
CA GLN A 91 5.58 11.30 2.61
C GLN A 91 6.08 12.56 1.92
N ILE A 92 5.31 13.14 1.01
CA ILE A 92 5.73 14.38 0.35
C ILE A 92 5.31 15.54 1.25
N ALA A 93 6.24 15.98 2.09
CA ALA A 93 6.04 17.04 3.07
C ALA A 93 7.38 17.40 3.68
N PRO A 94 7.56 18.63 4.17
CA PRO A 94 8.84 19.00 4.80
C PRO A 94 9.05 18.22 6.09
N GLY A 95 10.10 17.40 6.11
CA GLY A 95 10.44 16.65 7.30
C GLY A 95 9.66 15.37 7.48
N GLN A 96 9.59 14.53 6.45
CA GLN A 96 8.87 13.28 6.51
C GLN A 96 9.80 12.12 6.18
N THR A 97 9.48 10.95 6.72
CA THR A 97 10.27 9.74 6.50
C THR A 97 9.49 8.77 5.62
N GLY A 98 10.19 7.74 5.16
CA GLY A 98 9.64 6.76 4.25
C GLY A 98 10.57 6.50 3.08
N ASN A 99 10.26 5.44 2.34
CA ASN A 99 11.08 5.05 1.21
C ASN A 99 11.06 6.10 0.11
N ILE A 100 9.91 6.78 -0.08
CA ILE A 100 9.82 7.79 -1.12
C ILE A 100 10.39 9.12 -0.62
N ALA A 101 10.14 9.45 0.65
CA ALA A 101 10.62 10.71 1.20
C ALA A 101 12.11 10.72 1.49
N ASP A 102 12.76 9.55 1.51
CA ASP A 102 14.18 9.46 1.82
C ASP A 102 15.03 9.05 0.65
N TYR A 103 14.52 8.20 -0.26
CA TYR A 103 15.31 7.65 -1.34
C TYR A 103 14.77 7.98 -2.73
N ASN A 104 13.63 8.65 -2.83
CA ASN A 104 13.06 9.00 -4.13
C ASN A 104 12.91 10.50 -4.31
N TYR A 105 12.32 11.20 -3.35
CA TYR A 105 12.04 12.63 -3.51
C TYR A 105 11.89 13.23 -2.12
N LYS A 106 12.80 14.13 -1.75
CA LYS A 106 12.81 14.75 -0.44
C LYS A 106 12.70 16.26 -0.56
N LEU A 107 11.85 16.86 0.27
CA LEU A 107 11.63 18.29 0.35
C LEU A 107 12.40 18.88 1.52
N PRO A 108 12.91 20.10 1.38
CA PRO A 108 13.62 20.73 2.49
C PRO A 108 12.67 21.05 3.64
N ASP A 109 13.26 21.32 4.81
CA ASP A 109 12.45 21.69 5.97
C ASP A 109 11.87 23.09 5.82
N ASP A 110 12.53 23.96 5.05
CA ASP A 110 12.06 25.32 4.78
C ASP A 110 11.39 25.42 3.43
N PHE A 111 10.68 24.37 3.02
CA PHE A 111 10.05 24.33 1.71
C PHE A 111 8.97 25.41 1.59
N THR A 112 9.06 26.21 0.54
CA THR A 112 8.09 27.26 0.25
C THR A 112 7.40 26.91 -1.06
N GLY A 113 6.20 26.32 -0.96
CA GLY A 113 5.46 25.95 -2.14
C GLY A 113 4.21 25.16 -1.78
N CYS A 114 3.59 24.60 -2.81
CA CYS A 114 2.36 23.84 -2.67
C CYS A 114 2.51 22.49 -3.35
N VAL A 115 1.91 21.47 -2.75
CA VAL A 115 1.90 20.11 -3.31
C VAL A 115 0.48 19.76 -3.70
N ILE A 116 0.30 19.31 -4.94
CA ILE A 116 -1.01 18.96 -5.48
C ILE A 116 -0.99 17.49 -5.86
N ALA A 117 -2.00 16.76 -5.39
CA ALA A 117 -2.11 15.33 -5.66
C ALA A 117 -3.55 14.99 -6.01
N TRP A 118 -3.70 14.00 -6.89
CA TRP A 118 -5.02 13.56 -7.31
C TRP A 118 -4.94 12.12 -7.80
N ASN A 119 -6.03 11.38 -7.60
CA ASN A 119 -6.06 9.97 -7.95
C ASN A 119 -6.10 9.80 -9.47
N SER A 120 -5.30 8.86 -9.96
CA SER A 120 -5.20 8.58 -11.38
C SER A 120 -5.38 7.10 -11.66
N ASN A 121 -6.35 6.48 -10.98
CA ASN A 121 -6.63 5.07 -11.19
C ASN A 121 -7.24 4.81 -12.56
N LYS A 122 -7.78 5.84 -13.21
CA LYS A 122 -8.43 5.68 -14.51
C LYS A 122 -7.45 5.75 -15.68
N LEU A 123 -6.25 6.27 -15.46
CA LEU A 123 -5.28 6.44 -16.53
C LEU A 123 -4.02 5.63 -16.33
N ASP A 124 -3.42 5.69 -15.13
CA ASP A 124 -2.15 5.04 -14.84
C ASP A 124 -2.31 3.62 -14.30
N SER A 125 -3.42 2.96 -14.61
CA SER A 125 -3.68 1.62 -14.11
C SER A 125 -4.18 0.75 -15.26
N LYS A 126 -3.60 -0.44 -15.39
CA LYS A 126 -3.99 -1.40 -16.42
C LYS A 126 -4.56 -2.65 -15.77
N HIS A 127 -5.40 -3.37 -16.53
CA HIS A 127 -6.09 -4.53 -15.99
C HIS A 127 -5.13 -5.65 -15.63
N SER A 128 -4.01 -5.76 -16.35
CA SER A 128 -3.02 -6.81 -16.09
C SER A 128 -1.84 -6.30 -15.28
N GLY A 129 -1.88 -5.06 -14.81
CA GLY A 129 -0.79 -4.52 -14.04
C GLY A 129 0.09 -3.56 -14.83
N ASN A 130 0.23 -2.34 -14.34
CA ASN A 130 1.05 -1.31 -14.99
C ASN A 130 2.42 -1.31 -14.32
N TYR A 131 3.36 -2.04 -14.90
CA TYR A 131 4.71 -2.16 -14.36
C TYR A 131 5.68 -1.16 -14.98
N ASP A 132 5.18 -0.05 -15.53
CA ASP A 132 6.02 0.96 -16.14
C ASP A 132 6.49 2.02 -15.15
N TYR A 133 5.93 2.05 -13.94
CA TYR A 133 6.31 3.02 -12.92
C TYR A 133 7.21 2.35 -11.91
N TRP A 134 8.39 2.93 -11.71
CA TRP A 134 9.42 2.34 -10.84
C TRP A 134 9.69 3.26 -9.65
N TYR A 135 10.14 2.66 -8.56
CA TYR A 135 10.54 3.40 -7.37
C TYR A 135 11.74 2.72 -6.74
N ARG A 136 12.66 3.54 -6.23
CA ARG A 136 13.83 3.04 -5.52
C ARG A 136 13.42 2.69 -4.09
N LEU A 137 13.60 1.43 -3.71
CA LEU A 137 13.15 0.97 -2.41
C LEU A 137 14.08 1.43 -1.30
N PHE A 138 15.38 1.34 -1.51
CA PHE A 138 16.35 1.63 -0.47
C PHE A 138 17.67 2.04 -1.09
N ARG A 139 18.38 2.91 -0.39
CA ARG A 139 19.73 3.30 -0.76
C ARG A 139 20.57 3.43 0.51
N LYS A 140 21.89 3.39 0.34
CA LYS A 140 22.77 3.45 1.50
C LYS A 140 22.71 4.80 2.18
N SER A 141 22.71 5.88 1.41
CA SER A 141 22.63 7.24 1.94
C SER A 141 21.33 7.88 1.48
N LYS A 142 20.65 8.56 2.40
CA LYS A 142 19.40 9.22 2.09
C LYS A 142 19.63 10.38 1.12
N LEU A 143 18.63 10.67 0.31
CA LEU A 143 18.73 11.73 -0.68
C LEU A 143 18.77 13.10 0.00
N LYS A 144 19.46 14.02 -0.64
CA LYS A 144 19.44 15.41 -0.22
C LYS A 144 18.22 16.11 -0.81
N PRO A 145 17.84 17.27 -0.26
CA PRO A 145 16.69 17.99 -0.80
C PRO A 145 16.88 18.31 -2.28
N PHE A 146 15.86 17.97 -3.07
CA PHE A 146 15.86 18.22 -4.52
C PHE A 146 17.01 17.51 -5.21
N GLU A 147 17.17 16.22 -4.93
CA GLU A 147 18.19 15.38 -5.54
C GLU A 147 17.51 14.22 -6.26
N ARG A 148 18.04 13.87 -7.43
CA ARG A 148 17.49 12.79 -8.25
C ARG A 148 18.57 11.76 -8.53
N ASP A 149 18.29 10.50 -8.22
CA ASP A 149 19.22 9.40 -8.43
C ASP A 149 18.65 8.52 -9.55
N ILE A 150 19.29 8.56 -10.71
CA ILE A 150 18.84 7.80 -11.87
C ILE A 150 19.69 6.56 -12.12
N SER A 151 20.74 6.34 -11.33
CA SER A 151 21.62 5.20 -11.53
C SER A 151 20.89 3.89 -11.25
N THR A 152 21.14 2.89 -12.09
CA THR A 152 20.48 1.60 -12.00
C THR A 152 21.49 0.48 -11.80
N GLU A 153 22.51 0.73 -10.99
CA GLU A 153 23.49 -0.30 -10.67
C GLU A 153 22.90 -1.29 -9.68
N ILE A 154 23.34 -2.55 -9.79
CA ILE A 154 22.78 -3.62 -8.97
C ILE A 154 23.18 -3.42 -7.51
N TYR A 155 22.19 -3.46 -6.63
CA TYR A 155 22.44 -3.26 -5.21
C TYR A 155 22.90 -4.57 -4.57
N GLN A 156 24.00 -4.49 -3.83
CA GLN A 156 24.57 -5.66 -3.17
C GLN A 156 23.98 -5.76 -1.76
N ALA A 157 23.09 -6.74 -1.56
CA ALA A 157 22.50 -6.97 -0.24
C ALA A 157 23.35 -7.90 0.62
N GLY A 158 24.12 -8.79 0.00
CA GLY A 158 24.97 -9.71 0.72
C GLY A 158 26.35 -9.14 0.97
N ASN A 159 27.28 -10.04 1.31
CA ASN A 159 28.65 -9.66 1.60
C ASN A 159 29.61 -10.02 0.48
N LYS A 160 29.10 -10.50 -0.66
CA LYS A 160 29.94 -10.85 -1.79
C LYS A 160 29.65 -9.92 -2.96
N PRO A 161 30.68 -9.53 -3.72
CA PRO A 161 30.46 -8.64 -4.87
C PRO A 161 29.50 -9.27 -5.88
N CYS A 162 28.60 -8.45 -6.40
CA CYS A 162 27.55 -8.93 -7.29
C CYS A 162 28.03 -8.95 -8.74
N LYS A 163 27.47 -9.89 -9.52
CA LYS A 163 27.81 -10.05 -10.93
C LYS A 163 26.53 -10.25 -11.74
N GLY A 164 25.54 -9.40 -11.49
CA GLY A 164 24.26 -9.48 -12.18
C GLY A 164 23.17 -10.04 -11.28
N LYS A 165 21.94 -9.95 -11.79
CA LYS A 165 20.77 -10.34 -11.02
C LYS A 165 20.91 -11.74 -10.44
N GLY A 166 20.68 -11.85 -9.14
CA GLY A 166 20.81 -13.12 -8.45
C GLY A 166 20.04 -13.16 -7.16
N PRO A 167 20.36 -14.12 -6.29
CA PRO A 167 19.66 -14.24 -5.01
C PRO A 167 19.93 -13.06 -4.08
N ASN A 168 21.19 -12.71 -3.88
CA ASN A 168 21.56 -11.59 -3.03
C ASN A 168 21.69 -10.28 -3.80
N CYS A 169 21.66 -10.32 -5.13
CA CYS A 169 21.67 -9.13 -5.95
C CYS A 169 20.26 -8.62 -6.14
N TYR A 170 20.14 -7.30 -6.32
CA TYR A 170 18.82 -6.68 -6.45
C TYR A 170 18.89 -5.52 -7.43
N PHE A 171 17.94 -5.46 -8.34
CA PHE A 171 17.78 -4.28 -9.18
C PHE A 171 17.22 -3.15 -8.32
N PRO A 172 17.82 -1.96 -8.34
CA PRO A 172 17.43 -0.92 -7.38
C PRO A 172 16.02 -0.39 -7.59
N LEU A 173 15.41 -0.60 -8.75
CA LEU A 173 14.09 -0.08 -9.06
C LEU A 173 13.07 -1.20 -9.04
N GLN A 174 11.93 -0.95 -8.39
CA GLN A 174 10.85 -1.93 -8.28
C GLN A 174 9.57 -1.35 -8.85
N SER A 175 8.74 -2.20 -9.44
CA SER A 175 7.52 -1.74 -10.06
C SER A 175 6.33 -1.76 -9.12
N TYR A 176 5.41 -0.84 -9.33
CA TYR A 176 4.21 -0.73 -8.51
C TYR A 176 3.17 -1.77 -8.91
N GLY A 177 2.93 -1.92 -10.22
CA GLY A 177 1.93 -2.86 -10.70
C GLY A 177 0.52 -2.42 -10.37
N PHE A 178 0.14 -1.23 -10.83
CA PHE A 178 -1.17 -0.70 -10.51
C PHE A 178 -2.27 -1.47 -11.21
N ARG A 179 -3.29 -1.87 -10.44
CA ARG A 179 -4.45 -2.56 -10.98
C ARG A 179 -5.72 -1.86 -10.52
N PRO A 180 -6.76 -1.83 -11.35
CA PRO A 180 -7.98 -1.11 -10.97
C PRO A 180 -8.68 -1.70 -9.77
N THR A 181 -8.50 -3.00 -9.51
CA THR A 181 -9.16 -3.66 -8.39
C THR A 181 -8.47 -3.38 -7.06
N TYR A 182 -7.31 -2.73 -7.07
CA TYR A 182 -6.63 -2.39 -5.82
C TYR A 182 -7.41 -1.32 -5.07
N GLY A 183 -7.46 -1.46 -3.75
CA GLY A 183 -8.10 -0.46 -2.92
C GLY A 183 -7.33 0.85 -2.93
N VAL A 184 -8.00 1.89 -2.42
CA VAL A 184 -7.36 3.19 -2.34
C VAL A 184 -6.20 3.13 -1.35
N GLY A 185 -5.05 3.66 -1.77
CA GLY A 185 -3.83 3.52 -0.99
C GLY A 185 -2.74 2.87 -1.81
N HIS A 186 -3.13 1.90 -2.64
CA HIS A 186 -2.24 1.29 -3.61
C HIS A 186 -2.53 1.75 -5.03
N GLN A 187 -3.56 2.56 -5.22
CA GLN A 187 -3.89 3.09 -6.53
C GLN A 187 -2.93 4.21 -6.92
N PRO A 188 -2.73 4.45 -8.21
CA PRO A 188 -1.75 5.47 -8.62
C PRO A 188 -2.25 6.88 -8.36
N TYR A 189 -1.34 7.73 -7.88
CA TYR A 189 -1.62 9.13 -7.61
C TYR A 189 -0.57 9.97 -8.31
N ARG A 190 -1.02 10.99 -9.04
CA ARG A 190 -0.12 11.94 -9.70
C ARG A 190 0.05 13.16 -8.81
N VAL A 191 1.30 13.50 -8.52
CA VAL A 191 1.64 14.57 -7.59
C VAL A 191 2.45 15.62 -8.33
N VAL A 192 2.07 16.88 -8.15
CA VAL A 192 2.81 18.03 -8.69
C VAL A 192 3.26 18.88 -7.52
N VAL A 193 4.55 19.21 -7.50
CA VAL A 193 5.15 20.01 -6.43
C VAL A 193 5.67 21.30 -7.04
N LEU A 194 5.25 22.43 -6.48
CA LEU A 194 5.65 23.74 -6.96
C LEU A 194 6.64 24.36 -5.98
N SER A 195 7.75 24.85 -6.52
CA SER A 195 8.80 25.49 -5.72
C SER A 195 8.96 26.92 -6.18
N PHE A 196 8.84 27.86 -5.25
CA PHE A 196 8.95 29.28 -5.54
C PHE A 196 10.32 29.78 -5.11
N GLU A 197 11.08 30.32 -6.05
CA GLU A 197 12.45 30.79 -5.80
C GLU A 197 12.48 32.31 -5.82
N LEU A 198 13.08 32.89 -4.79
CA LEU A 198 13.26 34.34 -4.68
C LEU A 198 14.76 34.63 -4.66
N LEU A 199 15.35 34.77 -5.84
CA LEU A 199 16.75 35.13 -5.95
C LEU A 199 16.89 36.64 -5.98
N HIS A 200 18.08 37.13 -6.31
CA HIS A 200 18.31 38.57 -6.47
C HIS A 200 17.93 39.09 -7.84
N ALA A 201 17.66 38.20 -8.80
CA ALA A 201 17.27 38.60 -10.13
C ALA A 201 15.87 39.20 -10.12
N PRO A 202 15.51 39.98 -11.15
CA PRO A 202 14.15 40.50 -11.23
C PRO A 202 13.12 39.39 -11.27
N ALA A 203 12.02 39.60 -10.54
CA ALA A 203 10.96 38.60 -10.44
C ALA A 203 10.18 38.56 -11.74
N THR A 204 10.41 37.51 -12.54
CA THR A 204 9.76 37.42 -13.84
C THR A 204 8.38 36.78 -13.73
N VAL A 205 8.16 35.94 -12.72
CA VAL A 205 6.88 35.28 -12.52
C VAL A 205 6.07 36.07 -11.51
N CYS A 206 5.06 36.78 -11.99
CA CYS A 206 4.16 37.54 -11.13
C CYS A 206 2.73 37.06 -11.35
N GLY A 207 1.83 37.50 -10.47
CA GLY A 207 0.44 37.17 -10.58
C GLY A 207 -0.29 38.12 -11.49
N PRO A 208 -1.55 37.79 -11.83
CA PRO A 208 -2.34 38.68 -12.68
C PRO A 208 -2.61 40.02 -11.98
N LYS A 209 -2.54 41.09 -12.76
CA LYS A 209 -2.83 42.43 -12.27
C LYS A 209 -4.15 42.91 -12.86
N LYS A 210 -5.05 43.35 -11.99
CA LYS A 210 -6.36 43.79 -12.41
C LYS A 210 -6.64 45.24 -11.99
N VAL B 3 -12.91 28.20 14.90
CA VAL B 3 -14.38 28.23 14.99
C VAL B 3 -14.96 28.90 13.75
N LEU B 4 -16.04 28.32 13.22
CA LEU B 4 -16.72 28.85 12.05
C LEU B 4 -17.99 29.57 12.49
N THR B 5 -18.18 30.79 11.98
CA THR B 5 -19.30 31.63 12.37
C THR B 5 -20.36 31.61 11.28
N GLN B 6 -21.58 31.22 11.65
CA GLN B 6 -22.73 31.22 10.77
C GLN B 6 -23.81 32.13 11.32
N PRO B 7 -24.67 32.67 10.45
CA PRO B 7 -25.83 33.41 10.94
C PRO B 7 -26.75 32.50 11.74
N PRO B 8 -27.34 33.00 12.83
CA PRO B 8 -28.20 32.13 13.64
C PRO B 8 -29.45 31.65 12.92
N SER B 9 -29.98 32.46 12.00
CA SER B 9 -31.22 32.12 11.32
C SER B 9 -31.21 32.69 9.90
N ALA B 10 -32.13 32.21 9.08
CA ALA B 10 -32.30 32.69 7.73
C ALA B 10 -33.74 32.44 7.30
N SER B 11 -34.24 33.26 6.37
CA SER B 11 -35.62 33.16 5.92
C SER B 11 -35.69 33.45 4.43
N GLY B 12 -36.77 32.98 3.82
CA GLY B 12 -37.00 33.21 2.41
C GLY B 12 -38.27 32.56 1.89
N THR B 13 -39.02 33.30 1.07
CA THR B 13 -40.24 32.77 0.49
C THR B 13 -39.91 31.79 -0.63
N PRO B 14 -40.84 30.88 -0.96
CA PRO B 14 -40.59 29.94 -2.05
C PRO B 14 -40.33 30.66 -3.38
N GLY B 15 -39.32 30.18 -4.10
CA GLY B 15 -38.93 30.75 -5.37
C GLY B 15 -37.69 31.61 -5.31
N GLN B 16 -37.41 32.21 -4.14
CA GLN B 16 -36.26 33.07 -3.99
C GLN B 16 -34.98 32.25 -3.80
N ARG B 17 -33.86 32.95 -3.74
CA ARG B 17 -32.58 32.35 -3.41
C ARG B 17 -32.07 32.97 -2.12
N VAL B 18 -31.50 32.15 -1.25
CA VAL B 18 -31.00 32.59 0.05
C VAL B 18 -29.56 32.12 0.18
N THR B 19 -28.68 33.03 0.60
CA THR B 19 -27.28 32.71 0.83
C THR B 19 -27.02 32.57 2.32
N ILE B 20 -26.23 31.56 2.68
CA ILE B 20 -25.84 31.30 4.07
C ILE B 20 -24.34 31.50 4.17
N SER B 21 -23.94 32.49 4.97
CA SER B 21 -22.54 32.85 5.07
C SER B 21 -21.82 31.96 6.08
N CYS B 22 -20.49 31.92 5.94
CA CYS B 22 -19.64 31.15 6.85
C CYS B 22 -18.28 31.82 6.90
N SER B 23 -17.90 32.31 8.08
CA SER B 23 -16.63 33.00 8.28
C SER B 23 -15.70 32.11 9.09
N GLY B 24 -14.46 31.97 8.62
CA GLY B 24 -13.47 31.17 9.31
C GLY B 24 -12.11 31.83 9.35
N SER B 25 -11.10 31.09 9.79
CA SER B 25 -9.74 31.60 9.86
C SER B 25 -8.94 31.09 8.66
N SER B 26 -7.68 31.50 8.61
CA SER B 26 -6.78 31.08 7.54
C SER B 26 -6.26 29.66 7.74
N SER B 27 -6.59 29.00 8.86
CA SER B 27 -6.14 27.65 9.11
C SER B 27 -7.20 26.59 8.81
N ASN B 28 -8.46 26.99 8.64
CA ASN B 28 -9.53 26.07 8.31
C ASN B 28 -10.08 26.32 6.91
N ILE B 29 -10.53 27.54 6.62
CA ILE B 29 -11.01 27.92 5.31
C ILE B 29 -9.90 28.65 4.58
N GLY B 30 -9.77 28.39 3.29
CA GLY B 30 -8.65 28.90 2.52
C GLY B 30 -7.50 27.93 2.48
N SER B 31 -7.02 27.53 3.66
CA SER B 31 -6.00 26.48 3.71
C SER B 31 -6.57 25.14 3.31
N ASN B 32 -7.77 24.82 3.76
CA ASN B 32 -8.45 23.57 3.46
C ASN B 32 -9.77 23.88 2.71
N THR B 33 -10.55 22.83 2.48
CA THR B 33 -11.82 22.96 1.78
C THR B 33 -12.99 22.99 2.76
N VAL B 34 -14.13 23.41 2.25
CA VAL B 34 -15.33 23.61 3.06
C VAL B 34 -16.41 22.62 2.61
N ASN B 35 -17.16 22.12 3.58
CA ASN B 35 -18.28 21.22 3.31
C ASN B 35 -19.57 21.82 3.87
N TRP B 36 -20.69 21.41 3.28
CA TRP B 36 -22.00 21.85 3.71
C TRP B 36 -22.89 20.64 3.96
N TYR B 37 -23.67 20.69 5.03
CA TYR B 37 -24.53 19.59 5.44
C TYR B 37 -25.92 20.10 5.77
N GLN B 38 -26.93 19.35 5.35
CA GLN B 38 -28.32 19.65 5.61
C GLN B 38 -28.90 18.61 6.56
N GLN B 39 -29.57 19.07 7.61
CA GLN B 39 -30.19 18.19 8.59
C GLN B 39 -31.65 18.58 8.75
N LEU B 40 -32.54 17.75 8.23
CA LEU B 40 -33.96 17.96 8.45
C LEU B 40 -34.33 17.57 9.87
N PRO B 41 -35.38 18.17 10.43
CA PRO B 41 -35.74 17.88 11.83
C PRO B 41 -36.04 16.41 12.05
N GLY B 42 -35.21 15.77 12.87
CA GLY B 42 -35.40 14.38 13.23
C GLY B 42 -34.69 13.38 12.34
N THR B 43 -33.78 13.82 11.48
CA THR B 43 -33.06 12.93 10.58
C THR B 43 -31.56 13.22 10.67
N ALA B 44 -30.77 12.32 10.10
CA ALA B 44 -29.33 12.49 10.07
C ALA B 44 -28.93 13.54 9.03
N PRO B 45 -27.78 14.20 9.23
CA PRO B 45 -27.34 15.19 8.25
C PRO B 45 -27.06 14.57 6.89
N LYS B 46 -27.13 15.41 5.85
CA LYS B 46 -26.93 14.99 4.48
C LYS B 46 -25.83 15.85 3.85
N LEU B 47 -24.84 15.19 3.25
CA LEU B 47 -23.76 15.91 2.58
C LEU B 47 -24.30 16.59 1.32
N LEU B 48 -24.16 17.92 1.26
CA LEU B 48 -24.65 18.70 0.13
C LEU B 48 -23.56 19.18 -0.80
N ILE B 49 -22.42 19.61 -0.27
CA ILE B 49 -21.36 20.20 -1.08
C ILE B 49 -20.01 19.80 -0.50
N TYR B 50 -19.09 19.39 -1.37
CA TYR B 50 -17.70 19.15 -1.02
C TYR B 50 -16.81 19.87 -2.03
N SER B 51 -15.54 20.02 -1.67
CA SER B 51 -14.54 20.72 -2.49
C SER B 51 -14.95 22.15 -2.81
N ASN B 52 -15.86 22.70 -2.01
CA ASN B 52 -16.31 24.10 -2.02
C ASN B 52 -17.17 24.43 -3.22
N ASN B 53 -17.21 23.56 -4.22
CA ASN B 53 -18.12 23.77 -5.34
C ASN B 53 -18.71 22.50 -5.93
N GLN B 54 -18.39 21.32 -5.39
CA GLN B 54 -18.81 20.06 -5.97
C GLN B 54 -20.04 19.53 -5.25
N ARG B 55 -20.83 18.75 -5.97
CA ARG B 55 -22.14 18.32 -5.50
C ARG B 55 -22.30 16.82 -5.72
N PRO B 56 -22.69 16.07 -4.70
CA PRO B 56 -22.93 14.63 -4.89
C PRO B 56 -24.05 14.38 -5.89
N SER B 57 -24.20 13.10 -6.25
CA SER B 57 -25.15 12.73 -7.30
C SER B 57 -26.59 12.96 -6.86
N GLY B 58 -26.91 12.64 -5.62
CA GLY B 58 -28.28 12.73 -5.16
C GLY B 58 -28.66 14.05 -4.54
N VAL B 59 -28.08 15.14 -5.04
CA VAL B 59 -28.32 16.48 -4.54
C VAL B 59 -28.83 17.33 -5.70
N PRO B 60 -29.93 18.06 -5.53
CA PRO B 60 -30.46 18.87 -6.64
C PRO B 60 -29.51 20.00 -7.02
N ASP B 61 -29.68 20.47 -8.25
CA ASP B 61 -28.85 21.54 -8.80
C ASP B 61 -29.13 22.90 -8.16
N ARG B 62 -30.10 23.00 -7.25
CA ARG B 62 -30.42 24.27 -6.63
C ARG B 62 -29.35 24.73 -5.64
N PHE B 63 -28.46 23.84 -5.22
CA PHE B 63 -27.44 24.15 -4.23
C PHE B 63 -26.10 24.39 -4.94
N SER B 64 -25.47 25.51 -4.62
CA SER B 64 -24.17 25.86 -5.19
C SER B 64 -23.29 26.45 -4.10
N GLY B 65 -22.01 26.12 -4.15
CA GLY B 65 -21.05 26.54 -3.14
C GLY B 65 -20.06 27.54 -3.70
N SER B 66 -19.52 28.39 -2.83
CA SER B 66 -18.54 29.39 -3.20
C SER B 66 -17.61 29.64 -2.03
N LYS B 67 -16.33 29.85 -2.34
CA LYS B 67 -15.34 30.17 -1.31
C LYS B 67 -14.46 31.29 -1.82
N SER B 68 -14.34 32.36 -1.03
CA SER B 68 -13.54 33.53 -1.37
C SER B 68 -12.64 33.85 -0.18
N GLY B 69 -11.37 33.47 -0.28
CA GLY B 69 -10.43 33.71 0.79
C GLY B 69 -10.68 32.84 2.00
N THR B 70 -11.15 33.45 3.09
CA THR B 70 -11.43 32.74 4.33
C THR B 70 -12.92 32.69 4.64
N SER B 71 -13.77 32.92 3.64
CA SER B 71 -15.21 32.92 3.82
C SER B 71 -15.86 32.05 2.76
N ALA B 72 -17.03 31.50 3.09
CA ALA B 72 -17.76 30.62 2.19
C ALA B 72 -19.24 30.91 2.30
N SER B 73 -19.98 30.53 1.26
CA SER B 73 -21.41 30.79 1.21
C SER B 73 -22.11 29.65 0.47
N LEU B 74 -23.38 29.45 0.80
CA LEU B 74 -24.22 28.42 0.20
C LEU B 74 -25.45 29.09 -0.40
N ALA B 75 -25.63 28.91 -1.71
CA ALA B 75 -26.74 29.51 -2.44
C ALA B 75 -27.78 28.44 -2.76
N ILE B 76 -29.02 28.70 -2.35
CA ILE B 76 -30.13 27.77 -2.59
C ILE B 76 -31.14 28.50 -3.47
N SER B 77 -31.03 28.30 -4.78
CA SER B 77 -31.92 28.96 -5.73
C SER B 77 -33.23 28.20 -5.83
N GLY B 78 -34.34 28.95 -5.78
CA GLY B 78 -35.65 28.33 -5.88
C GLY B 78 -36.03 27.57 -4.63
N LEU B 79 -36.24 28.30 -3.53
CA LEU B 79 -36.59 27.68 -2.27
C LEU B 79 -37.87 26.87 -2.38
N GLN B 80 -37.87 25.69 -1.78
CA GLN B 80 -39.05 24.85 -1.66
C GLN B 80 -39.33 24.58 -0.19
N SER B 81 -40.52 24.05 0.08
CA SER B 81 -40.88 23.71 1.45
C SER B 81 -39.99 22.61 2.03
N GLU B 82 -39.35 21.81 1.18
CA GLU B 82 -38.46 20.75 1.63
C GLU B 82 -37.08 21.27 2.02
N ASP B 83 -36.78 22.54 1.75
CA ASP B 83 -35.48 23.11 2.08
C ASP B 83 -35.42 23.68 3.48
N GLU B 84 -36.51 23.63 4.24
CA GLU B 84 -36.54 24.13 5.61
C GLU B 84 -35.81 23.12 6.50
N ALA B 85 -34.57 23.43 6.83
CA ALA B 85 -33.75 22.54 7.66
C ALA B 85 -32.61 23.36 8.25
N ASP B 86 -31.68 22.68 8.91
CA ASP B 86 -30.50 23.29 9.49
C ASP B 86 -29.29 23.01 8.60
N TYR B 87 -28.54 24.06 8.27
CA TYR B 87 -27.39 23.96 7.39
C TYR B 87 -26.13 24.28 8.17
N TYR B 88 -25.13 23.39 8.07
CA TYR B 88 -23.90 23.51 8.84
C TYR B 88 -22.72 23.74 7.91
N CYS B 89 -21.76 24.53 8.38
CA CYS B 89 -20.53 24.80 7.66
C CYS B 89 -19.41 23.99 8.31
N ALA B 90 -18.71 23.19 7.52
CA ALA B 90 -17.70 22.29 8.03
C ALA B 90 -16.39 22.48 7.27
N ALA B 91 -15.29 22.30 7.98
CA ALA B 91 -13.95 22.39 7.40
C ALA B 91 -12.97 21.72 8.35
N TRP B 92 -11.76 21.48 7.85
CA TRP B 92 -10.70 20.89 8.64
C TRP B 92 -9.71 21.97 9.05
N ASP B 93 -9.50 22.13 10.35
CA ASP B 93 -8.58 23.11 10.88
C ASP B 93 -7.17 22.52 10.94
N ASP B 94 -6.18 23.38 10.73
CA ASP B 94 -4.79 22.95 10.80
C ASP B 94 -4.36 22.56 12.22
N SER B 95 -5.19 22.83 13.22
CA SER B 95 -4.97 22.36 14.58
C SER B 95 -5.37 20.90 14.77
N LEU B 96 -5.56 20.17 13.67
CA LEU B 96 -5.88 18.74 13.69
C LEU B 96 -7.22 18.48 14.37
N ASN B 97 -8.25 19.19 13.91
CA ASN B 97 -9.60 18.97 14.42
C ASN B 97 -10.61 19.44 13.38
N TRP B 98 -11.75 18.74 13.33
CA TRP B 98 -12.84 19.09 12.45
C TRP B 98 -13.76 20.06 13.17
N VAL B 99 -14.11 21.15 12.50
CA VAL B 99 -14.89 22.23 13.10
C VAL B 99 -16.18 22.42 12.30
N PHE B 100 -17.30 22.53 13.01
CA PHE B 100 -18.59 22.84 12.41
C PHE B 100 -18.96 24.28 12.69
N GLY B 101 -19.85 24.82 11.84
CA GLY B 101 -20.20 26.22 11.90
C GLY B 101 -21.29 26.61 12.86
N GLY B 102 -21.78 25.68 13.68
CA GLY B 102 -22.84 25.96 14.63
C GLY B 102 -24.24 25.79 14.07
N GLY B 103 -24.42 26.01 12.77
CA GLY B 103 -25.70 25.78 12.14
C GLY B 103 -26.53 27.02 11.91
N THR B 104 -27.22 27.07 10.77
CA THR B 104 -28.13 28.15 10.44
C THR B 104 -29.50 27.56 10.16
N LYS B 105 -30.51 28.00 10.91
CA LYS B 105 -31.86 27.50 10.74
C LYS B 105 -32.57 28.31 9.66
N LEU B 106 -33.01 27.63 8.61
CA LEU B 106 -33.70 28.28 7.50
C LEU B 106 -35.20 28.02 7.62
N THR B 107 -36.00 29.07 7.49
CA THR B 107 -37.45 28.99 7.60
C THR B 107 -38.07 29.58 6.35
N VAL B 108 -38.91 28.80 5.69
CA VAL B 108 -39.64 29.27 4.51
C VAL B 108 -40.95 29.90 4.96
N LEU B 109 -41.32 31.01 4.33
CA LEU B 109 -42.55 31.73 4.65
C LEU B 109 -43.62 31.30 3.66
N GLY B 110 -44.51 30.43 4.11
CA GLY B 110 -45.59 29.94 3.27
C GLY B 110 -45.16 28.81 2.36
N GLU B 125 -27.54 -0.90 -1.01
CA GLU B 125 -27.47 0.46 -0.48
C GLU B 125 -26.57 0.52 0.74
N VAL B 126 -25.77 1.58 0.84
CA VAL B 126 -24.86 1.75 1.97
C VAL B 126 -25.68 2.10 3.21
N GLN B 127 -25.50 1.31 4.27
CA GLN B 127 -26.20 1.55 5.53
C GLN B 127 -25.23 1.39 6.68
N LEU B 128 -25.36 2.28 7.67
CA LEU B 128 -24.55 2.25 8.88
C LEU B 128 -25.49 2.20 10.08
N VAL B 129 -25.42 1.10 10.83
CA VAL B 129 -26.24 0.89 12.02
C VAL B 129 -25.35 0.98 13.24
N GLU B 130 -25.80 1.71 14.26
CA GLU B 130 -25.02 1.97 15.45
C GLU B 130 -25.68 1.35 16.68
N SER B 131 -24.87 1.02 17.67
CA SER B 131 -25.38 0.42 18.90
C SER B 131 -24.37 0.68 20.02
N GLY B 132 -24.85 0.53 21.25
CA GLY B 132 -24.02 0.70 22.43
C GLY B 132 -24.42 1.82 23.36
N GLY B 133 -25.46 2.60 23.04
CA GLY B 133 -25.86 3.68 23.92
C GLY B 133 -26.51 3.18 25.20
N GLY B 134 -26.60 4.07 26.16
CA GLY B 134 -27.23 3.74 27.43
C GLY B 134 -27.06 4.85 28.44
N VAL B 135 -27.55 4.60 29.64
CA VAL B 135 -27.46 5.53 30.75
C VAL B 135 -26.34 5.07 31.68
N VAL B 136 -25.41 5.98 31.98
CA VAL B 136 -24.27 5.67 32.83
C VAL B 136 -24.09 6.81 33.84
N GLN B 137 -23.47 6.47 34.96
CA GLN B 137 -23.15 7.46 35.97
C GLN B 137 -21.97 8.31 35.53
N PRO B 138 -21.88 9.56 36.00
CA PRO B 138 -20.76 10.42 35.61
C PRO B 138 -19.43 9.83 36.09
N GLY B 139 -18.59 9.47 35.13
CA GLY B 139 -17.32 8.82 35.41
C GLY B 139 -17.26 7.36 35.03
N GLY B 140 -18.30 6.81 34.43
CA GLY B 140 -18.33 5.41 34.05
C GLY B 140 -17.65 5.14 32.73
N SER B 141 -18.14 4.13 32.02
CA SER B 141 -17.56 3.72 30.74
C SER B 141 -18.67 3.23 29.82
N LEU B 142 -18.39 3.28 28.53
CA LEU B 142 -19.33 2.83 27.51
C LEU B 142 -18.60 2.73 26.18
N ARG B 143 -18.96 1.73 25.39
CA ARG B 143 -18.35 1.52 24.07
C ARG B 143 -19.45 1.45 23.02
N LEU B 144 -19.34 2.29 22.00
CA LEU B 144 -20.30 2.33 20.90
C LEU B 144 -19.75 1.56 19.71
N SER B 145 -20.64 0.89 18.99
CA SER B 145 -20.28 0.09 17.83
C SER B 145 -21.04 0.58 16.61
N CYS B 146 -20.46 0.35 15.43
CA CYS B 146 -21.05 0.80 14.17
C CYS B 146 -20.75 -0.22 13.10
N ALA B 147 -21.78 -0.85 12.56
CA ALA B 147 -21.65 -1.84 11.50
C ALA B 147 -21.86 -1.19 10.15
N ALA B 148 -20.99 -1.52 9.20
CA ALA B 148 -21.00 -0.93 7.87
C ALA B 148 -21.31 -2.00 6.83
N SER B 149 -22.05 -1.62 5.79
CA SER B 149 -22.41 -2.55 4.73
C SER B 149 -22.56 -1.78 3.42
N GLY B 150 -22.24 -2.45 2.33
CA GLY B 150 -22.48 -1.91 1.00
C GLY B 150 -21.34 -1.14 0.38
N PHE B 151 -20.14 -1.17 0.98
CA PHE B 151 -19.01 -0.45 0.42
C PHE B 151 -17.72 -1.08 0.93
N ARG B 152 -16.62 -0.71 0.30
CA ARG B 152 -15.29 -1.13 0.74
C ARG B 152 -14.93 -0.38 2.02
N PHE B 153 -14.87 -1.11 3.13
CA PHE B 153 -14.70 -0.45 4.43
C PHE B 153 -13.31 0.14 4.61
N ASP B 154 -12.29 -0.47 4.01
CA ASP B 154 -10.92 -0.01 4.19
C ASP B 154 -10.52 1.12 3.25
N ASP B 155 -11.38 1.49 2.30
CA ASP B 155 -11.09 2.57 1.38
C ASP B 155 -11.68 3.91 1.82
N HIS B 156 -12.44 3.94 2.91
CA HIS B 156 -13.11 5.15 3.36
C HIS B 156 -12.82 5.38 4.83
N ALA B 157 -12.54 6.64 5.18
CA ALA B 157 -12.34 7.02 6.57
C ALA B 157 -13.68 7.08 7.30
N MET B 158 -13.62 6.98 8.62
CA MET B 158 -14.80 6.96 9.47
C MET B 158 -14.71 8.07 10.50
N HIS B 159 -15.85 8.70 10.80
CA HIS B 159 -15.93 9.80 11.74
C HIS B 159 -16.93 9.48 12.84
N TRP B 160 -16.80 10.19 13.96
CA TRP B 160 -17.76 10.15 15.04
C TRP B 160 -18.20 11.57 15.34
N VAL B 161 -19.51 11.82 15.26
CA VAL B 161 -20.08 13.15 15.50
C VAL B 161 -21.21 13.00 16.50
N ARG B 162 -21.20 13.84 17.53
CA ARG B 162 -22.26 13.86 18.53
C ARG B 162 -23.05 15.16 18.41
N GLN B 163 -24.32 15.09 18.82
CA GLN B 163 -25.21 16.24 18.76
C GLN B 163 -26.08 16.25 20.01
N ALA B 164 -25.90 17.25 20.85
CA ALA B 164 -26.72 17.38 22.04
C ALA B 164 -28.18 17.59 21.64
N PRO B 165 -29.13 17.16 22.48
CA PRO B 165 -30.55 17.33 22.13
C PRO B 165 -30.92 18.79 21.90
N GLY B 166 -31.28 19.13 20.67
CA GLY B 166 -31.66 20.48 20.35
C GLY B 166 -30.51 21.45 20.19
N LYS B 167 -29.32 20.96 19.83
CA LYS B 167 -28.15 21.80 19.62
C LYS B 167 -27.44 21.38 18.33
N GLY B 168 -26.29 22.00 18.08
CA GLY B 168 -25.56 21.78 16.85
C GLY B 168 -24.68 20.55 16.88
N LEU B 169 -24.01 20.33 15.75
CA LEU B 169 -23.14 19.18 15.60
C LEU B 169 -21.76 19.44 16.18
N GLU B 170 -21.13 18.37 16.67
CA GLU B 170 -19.80 18.46 17.26
C GLU B 170 -19.01 17.21 16.88
N TRP B 171 -17.86 17.42 16.24
CA TRP B 171 -17.01 16.31 15.82
C TRP B 171 -16.24 15.75 17.01
N VAL B 172 -16.10 14.42 17.04
CA VAL B 172 -15.45 13.72 18.15
C VAL B 172 -14.10 13.16 17.72
N SER B 173 -14.08 12.25 16.75
CA SER B 173 -12.85 11.60 16.35
C SER B 173 -12.95 11.14 14.91
N VAL B 174 -11.80 10.75 14.36
CA VAL B 174 -11.71 10.25 12.99
C VAL B 174 -10.56 9.26 12.91
N ILE B 175 -10.73 8.23 12.08
CA ILE B 175 -9.70 7.24 11.81
C ILE B 175 -9.59 7.05 10.31
N SER B 176 -8.35 6.93 9.82
CA SER B 176 -8.12 6.85 8.39
C SER B 176 -8.54 5.49 7.85
N GLY B 177 -8.41 5.32 6.53
CA GLY B 177 -8.79 4.07 5.91
C GLY B 177 -7.90 2.92 6.31
N ASP B 178 -6.62 3.19 6.55
CA ASP B 178 -5.68 2.16 6.99
C ASP B 178 -5.56 2.07 8.50
N GLY B 179 -6.30 2.91 9.24
CA GLY B 179 -6.24 2.87 10.69
C GLY B 179 -4.96 3.39 11.29
N GLY B 180 -4.12 4.07 10.51
CA GLY B 180 -2.85 4.57 11.01
C GLY B 180 -2.95 5.90 11.71
N SER B 181 -3.70 6.83 11.13
CA SER B 181 -3.83 8.19 11.65
C SER B 181 -5.17 8.32 12.37
N THR B 182 -5.12 8.72 13.63
CA THR B 182 -6.32 8.94 14.44
C THR B 182 -6.22 10.30 15.10
N TYR B 183 -7.31 11.06 15.05
CA TYR B 183 -7.36 12.38 15.67
C TYR B 183 -8.60 12.47 16.55
N TYR B 184 -8.49 13.25 17.62
CA TYR B 184 -9.56 13.41 18.59
C TYR B 184 -9.77 14.89 18.89
N ALA B 185 -11.00 15.23 19.25
CA ALA B 185 -11.30 16.60 19.64
C ALA B 185 -10.63 16.91 20.98
N ASP B 186 -10.43 18.21 21.23
CA ASP B 186 -9.79 18.64 22.46
C ASP B 186 -10.66 18.33 23.68
N SER B 187 -11.98 18.30 23.51
CA SER B 187 -12.87 18.05 24.63
C SER B 187 -12.80 16.59 25.09
N VAL B 188 -12.55 15.66 24.17
CA VAL B 188 -12.54 14.24 24.47
C VAL B 188 -11.12 13.66 24.45
N LYS B 189 -10.11 14.52 24.40
CA LYS B 189 -8.73 14.06 24.34
C LYS B 189 -8.37 13.33 25.63
N GLY B 190 -7.80 12.13 25.49
CA GLY B 190 -7.40 11.33 26.63
C GLY B 190 -8.50 10.53 27.27
N ARG B 191 -9.75 10.70 26.85
CA ARG B 191 -10.87 9.95 27.39
C ARG B 191 -11.55 9.03 26.38
N PHE B 192 -11.55 9.38 25.11
CA PHE B 192 -12.17 8.58 24.07
C PHE B 192 -11.11 7.89 23.23
N SER B 193 -11.44 6.71 22.71
CA SER B 193 -10.53 5.93 21.90
C SER B 193 -11.30 5.33 20.73
N ILE B 194 -10.78 5.52 19.52
CA ILE B 194 -11.43 5.07 18.30
C ILE B 194 -10.62 3.92 17.71
N SER B 195 -11.33 2.97 17.10
CA SER B 195 -10.69 1.82 16.49
C SER B 195 -11.63 1.22 15.45
N ARG B 196 -11.05 0.54 14.47
CA ARG B 196 -11.82 -0.10 13.41
C ARG B 196 -11.34 -1.54 13.24
N ASP B 197 -12.22 -2.38 12.71
CA ASP B 197 -11.92 -3.78 12.42
C ASP B 197 -12.38 -4.06 10.99
N ASP B 198 -11.42 -4.08 10.07
CA ASP B 198 -11.75 -4.31 8.67
C ASP B 198 -12.22 -5.74 8.40
N SER B 199 -11.84 -6.69 9.25
CA SER B 199 -12.20 -8.08 9.02
C SER B 199 -13.68 -8.35 9.29
N LYS B 200 -14.36 -7.47 10.04
CA LYS B 200 -15.77 -7.64 10.34
C LYS B 200 -16.58 -6.38 10.09
N ASN B 201 -15.97 -5.34 9.51
CA ASN B 201 -16.67 -4.11 9.15
C ASN B 201 -17.38 -3.48 10.34
N SER B 202 -16.58 -3.12 11.35
CA SER B 202 -17.11 -2.54 12.57
C SER B 202 -16.27 -1.34 12.98
N LEU B 203 -16.93 -0.31 13.52
CA LEU B 203 -16.29 0.88 14.02
C LEU B 203 -16.61 1.01 15.51
N TYR B 204 -15.59 1.18 16.33
CA TYR B 204 -15.74 1.22 17.78
C TYR B 204 -15.35 2.59 18.33
N LEU B 205 -15.84 2.88 19.52
CA LEU B 205 -15.51 4.13 20.21
C LEU B 205 -15.61 3.87 21.70
N GLN B 206 -14.45 3.72 22.35
CA GLN B 206 -14.41 3.49 23.79
C GLN B 206 -14.46 4.83 24.52
N MET B 207 -15.48 5.00 25.35
CA MET B 207 -15.68 6.24 26.10
C MET B 207 -15.42 5.95 27.58
N ASN B 208 -14.38 6.55 28.12
CA ASN B 208 -14.01 6.39 29.53
C ASN B 208 -14.06 7.74 30.24
N SER B 209 -14.44 7.70 31.52
CA SER B 209 -14.54 8.90 32.35
C SER B 209 -15.47 9.94 31.71
N LEU B 210 -16.74 9.53 31.56
CA LEU B 210 -17.72 10.39 30.91
C LEU B 210 -18.15 11.53 31.82
N ARG B 211 -18.32 12.71 31.23
CA ARG B 211 -18.86 13.87 31.92
C ARG B 211 -20.33 14.07 31.56
N THR B 212 -20.97 14.99 32.27
CA THR B 212 -22.35 15.33 31.96
C THR B 212 -22.46 15.99 30.59
N GLU B 213 -21.40 16.66 30.14
CA GLU B 213 -21.40 17.29 28.83
C GLU B 213 -21.34 16.29 27.69
N ASP B 214 -21.07 15.02 27.97
CA ASP B 214 -21.00 14.00 26.94
C ASP B 214 -22.38 13.44 26.56
N THR B 215 -23.45 13.91 27.19
CA THR B 215 -24.79 13.46 26.86
C THR B 215 -25.20 14.06 25.52
N ALA B 216 -25.23 13.24 24.47
CA ALA B 216 -25.57 13.72 23.14
C ALA B 216 -26.00 12.53 22.29
N LEU B 217 -26.27 12.81 21.02
CA LEU B 217 -26.66 11.79 20.04
C LEU B 217 -25.47 11.56 19.12
N TYR B 218 -24.78 10.44 19.33
CA TYR B 218 -23.56 10.15 18.59
C TYR B 218 -23.88 9.54 17.24
N TYR B 219 -23.27 10.09 16.18
CA TYR B 219 -23.46 9.62 14.82
C TYR B 219 -22.21 8.88 14.33
N CYS B 220 -22.44 7.92 13.45
CA CYS B 220 -21.38 7.19 12.76
C CYS B 220 -21.40 7.62 11.29
N ALA B 221 -20.36 8.32 10.87
CA ALA B 221 -20.31 8.92 9.54
C ALA B 221 -19.21 8.28 8.70
N LYS B 222 -19.50 8.05 7.43
CA LYS B 222 -18.53 7.56 6.47
C LYS B 222 -17.99 8.73 5.65
N ASP B 223 -16.66 8.75 5.47
CA ASP B 223 -16.01 9.79 4.70
C ASP B 223 -15.76 9.31 3.28
N ARG B 224 -15.99 10.20 2.31
CA ARG B 224 -15.72 9.87 0.92
C ARG B 224 -14.22 9.78 0.62
N SER B 225 -13.37 10.27 1.50
CA SER B 225 -11.93 10.24 1.32
C SER B 225 -11.33 9.07 2.08
N TYR B 226 -10.19 8.58 1.58
CA TYR B 226 -9.51 7.46 2.20
C TYR B 226 -8.64 7.91 3.37
N GLY B 227 -7.64 8.75 3.08
CA GLY B 227 -6.72 9.17 4.09
C GLY B 227 -7.34 10.19 5.04
N PRO B 228 -6.56 10.57 6.05
CA PRO B 228 -7.05 11.56 7.02
C PRO B 228 -7.23 12.92 6.36
N PRO B 229 -8.06 13.78 6.92
CA PRO B 229 -8.33 15.08 6.27
C PRO B 229 -7.13 15.99 6.18
N ASP B 230 -6.10 15.79 7.01
CA ASP B 230 -4.92 16.64 6.94
C ASP B 230 -4.03 16.30 5.75
N VAL B 231 -4.17 15.10 5.19
CA VAL B 231 -3.40 14.71 4.01
C VAL B 231 -4.22 15.05 2.76
N PHE B 232 -5.43 14.51 2.68
CA PHE B 232 -6.35 14.80 1.57
C PHE B 232 -7.28 15.93 2.02
N ASN B 233 -6.74 17.14 2.03
CA ASN B 233 -7.45 18.32 2.51
C ASN B 233 -8.33 18.97 1.45
N TYR B 234 -8.66 18.26 0.36
CA TYR B 234 -9.41 18.86 -0.72
C TYR B 234 -10.61 18.04 -1.17
N GLU B 235 -10.83 16.87 -0.58
CA GLU B 235 -11.95 16.02 -1.01
C GLU B 235 -12.70 15.37 0.15
N TYR B 236 -12.36 15.68 1.39
CA TYR B 236 -13.02 15.02 2.52
C TYR B 236 -14.48 15.46 2.63
N GLY B 237 -15.31 14.57 3.15
CA GLY B 237 -16.71 14.86 3.34
C GLY B 237 -17.47 13.68 3.90
N MET B 238 -18.31 13.93 4.91
CA MET B 238 -19.10 12.87 5.54
C MET B 238 -20.24 12.50 4.62
N ASP B 239 -20.05 11.44 3.82
CA ASP B 239 -21.00 11.10 2.77
C ASP B 239 -22.22 10.37 3.32
N VAL B 240 -21.99 9.29 4.06
CA VAL B 240 -23.07 8.45 4.57
C VAL B 240 -23.18 8.65 6.08
N TRP B 241 -24.41 8.85 6.55
CA TRP B 241 -24.70 9.01 7.96
C TRP B 241 -25.63 7.90 8.41
N GLY B 242 -25.44 7.42 9.64
CA GLY B 242 -26.25 6.36 10.20
C GLY B 242 -27.20 6.88 11.28
N GLN B 243 -28.07 5.98 11.72
CA GLN B 243 -28.99 6.30 12.81
C GLN B 243 -28.22 6.30 14.13
N GLY B 244 -28.21 7.45 14.79
CA GLY B 244 -27.41 7.60 15.99
C GLY B 244 -27.96 6.85 17.18
N THR B 245 -27.12 6.75 18.21
CA THR B 245 -27.48 6.12 19.47
C THR B 245 -27.42 7.16 20.58
N THR B 246 -28.42 7.13 21.46
CA THR B 246 -28.50 8.10 22.55
C THR B 246 -27.75 7.57 23.77
N VAL B 247 -26.81 8.35 24.27
CA VAL B 247 -26.15 8.08 25.55
C VAL B 247 -26.59 9.13 26.53
N THR B 248 -26.68 8.75 27.81
CA THR B 248 -27.12 9.66 28.86
C THR B 248 -26.17 9.52 30.04
N VAL B 249 -25.61 10.65 30.48
CA VAL B 249 -24.75 10.71 31.66
C VAL B 249 -25.52 11.44 32.74
N SER B 250 -26.08 10.68 33.68
CA SER B 250 -26.94 11.26 34.71
C SER B 250 -26.64 10.58 36.04
N SER B 251 -26.87 11.33 37.12
CA SER B 251 -26.62 10.82 38.46
C SER B 251 -27.92 10.32 39.10
N GLU C 1 22.60 -25.84 -18.24
CA GLU C 1 23.87 -26.07 -18.92
C GLU C 1 24.91 -26.61 -17.95
N ILE C 2 24.83 -26.17 -16.69
CA ILE C 2 25.77 -26.63 -15.67
C ILE C 2 25.29 -27.97 -15.14
N VAL C 3 26.20 -28.95 -15.11
CA VAL C 3 25.89 -30.30 -14.69
C VAL C 3 26.53 -30.56 -13.34
N LEU C 4 25.74 -31.06 -12.39
CA LEU C 4 26.23 -31.38 -11.06
C LEU C 4 26.19 -32.89 -10.88
N THR C 5 27.35 -33.47 -10.57
CA THR C 5 27.48 -34.92 -10.37
C THR C 5 27.95 -35.18 -8.95
N GLN C 6 27.26 -36.09 -8.27
CA GLN C 6 27.62 -36.49 -6.92
C GLN C 6 28.34 -37.82 -6.97
N SER C 7 29.55 -37.86 -6.38
CA SER C 7 30.41 -39.04 -6.56
C SER C 7 29.83 -40.30 -5.92
N PRO C 8 29.50 -40.31 -4.62
CA PRO C 8 28.94 -41.54 -4.04
C PRO C 8 27.48 -41.71 -4.42
N ALA C 9 27.16 -42.88 -4.98
CA ALA C 9 25.77 -43.18 -5.33
C ALA C 9 24.98 -43.64 -4.11
N THR C 10 25.46 -44.71 -3.46
CA THR C 10 24.85 -45.21 -2.24
C THR C 10 25.96 -45.41 -1.20
N LEU C 11 25.80 -44.79 -0.04
CA LEU C 11 26.80 -44.83 1.02
C LEU C 11 26.21 -45.60 2.21
N SER C 12 26.90 -46.66 2.62
CA SER C 12 26.45 -47.54 3.69
C SER C 12 27.38 -47.39 4.88
N LEU C 13 26.89 -46.72 5.93
CA LEU C 13 27.68 -46.47 7.12
C LEU C 13 26.82 -46.67 8.36
N SER C 14 27.39 -47.30 9.38
CA SER C 14 26.69 -47.56 10.63
C SER C 14 26.58 -46.27 11.45
N PRO C 15 25.60 -46.19 12.34
CA PRO C 15 25.49 -45.00 13.21
C PRO C 15 26.73 -44.83 14.08
N GLY C 16 27.25 -43.61 14.08
CA GLY C 16 28.48 -43.30 14.77
C GLY C 16 29.68 -43.11 13.88
N GLU C 17 29.53 -43.30 12.58
CA GLU C 17 30.63 -43.19 11.63
C GLU C 17 30.55 -41.87 10.87
N ARG C 18 31.64 -41.53 10.19
CA ARG C 18 31.75 -40.27 9.47
C ARG C 18 31.41 -40.47 8.00
N ALA C 19 30.65 -39.53 7.45
CA ALA C 19 30.21 -39.57 6.06
C ALA C 19 30.74 -38.36 5.30
N THR C 20 31.14 -38.59 4.06
CA THR C 20 31.67 -37.53 3.20
C THR C 20 31.01 -37.64 1.84
N LEU C 21 30.36 -36.57 1.40
CA LEU C 21 29.67 -36.51 0.12
C LEU C 21 30.34 -35.50 -0.79
N SER C 22 30.47 -35.85 -2.07
CA SER C 22 31.15 -35.01 -3.04
C SER C 22 30.17 -34.54 -4.11
N CYS C 23 30.48 -33.40 -4.71
CA CYS C 23 29.67 -32.83 -5.78
C CYS C 23 30.58 -32.06 -6.73
N ARG C 24 30.63 -32.49 -7.98
CA ARG C 24 31.46 -31.87 -9.00
C ARG C 24 30.66 -30.78 -9.72
N ALA C 25 31.29 -29.66 -10.01
CA ALA C 25 30.63 -28.60 -10.74
C ALA C 25 31.27 -28.48 -12.11
N SER C 26 30.50 -28.75 -13.16
CA SER C 26 31.03 -28.63 -14.53
C SER C 26 31.81 -27.34 -14.64
N GLN C 27 31.16 -26.22 -14.36
CA GLN C 27 31.85 -24.97 -14.33
C GLN C 27 31.70 -24.42 -12.99
N SER C 28 32.35 -23.30 -12.69
CA SER C 28 32.34 -22.77 -11.32
C SER C 28 31.05 -22.19 -10.78
N VAL C 29 30.41 -22.89 -9.85
CA VAL C 29 29.22 -22.35 -9.21
C VAL C 29 29.76 -21.83 -7.89
N SER C 30 30.72 -20.91 -7.96
CA SER C 30 31.40 -20.45 -6.73
C SER C 30 30.46 -20.05 -5.61
N SER C 31 30.45 -20.81 -4.52
CA SER C 31 29.62 -20.49 -3.35
C SER C 31 28.12 -20.37 -3.62
N TYR C 32 27.66 -20.85 -4.77
CA TYR C 32 26.23 -20.85 -5.07
C TYR C 32 25.84 -22.29 -4.95
N LEU C 33 26.01 -22.87 -3.77
CA LEU C 33 25.76 -24.29 -3.60
C LEU C 33 24.89 -24.52 -2.37
N ALA C 34 23.91 -25.41 -2.51
CA ALA C 34 23.01 -25.76 -1.43
C ALA C 34 22.91 -27.28 -1.30
N TRP C 35 22.65 -27.74 -0.07
CA TRP C 35 22.51 -29.15 0.23
C TRP C 35 21.15 -29.40 0.87
N TYR C 36 20.41 -30.36 0.34
CA TYR C 36 19.08 -30.70 0.84
C TYR C 36 19.06 -32.12 1.36
N GLN C 37 18.18 -32.37 2.33
CA GLN C 37 17.96 -33.70 2.88
C GLN C 37 16.51 -34.08 2.64
N GLN C 38 16.28 -35.21 1.98
CA GLN C 38 14.93 -35.68 1.67
C GLN C 38 14.76 -37.08 2.25
N LYS C 39 13.93 -37.19 3.26
CA LYS C 39 13.56 -38.50 3.77
C LYS C 39 12.37 -39.05 2.97
N PRO C 40 12.26 -40.38 2.85
CA PRO C 40 11.24 -40.95 1.96
C PRO C 40 9.83 -40.54 2.37
N GLY C 41 9.10 -39.96 1.42
CA GLY C 41 7.74 -39.53 1.64
C GLY C 41 7.58 -38.12 2.16
N GLN C 42 8.66 -37.35 2.26
CA GLN C 42 8.62 -36.00 2.79
C GLN C 42 9.26 -35.03 1.81
N ALA C 43 9.12 -33.74 2.10
CA ALA C 43 9.71 -32.70 1.28
C ALA C 43 11.19 -32.51 1.62
N PRO C 44 12.00 -32.05 0.67
CA PRO C 44 13.41 -31.82 0.96
C PRO C 44 13.60 -30.71 1.99
N ARG C 45 14.51 -30.94 2.93
CA ARG C 45 14.83 -29.98 3.96
C ARG C 45 16.23 -29.41 3.71
N LEU C 46 16.35 -28.09 3.79
CA LEU C 46 17.62 -27.43 3.51
C LEU C 46 18.57 -27.59 4.69
N LEU C 47 19.79 -28.02 4.40
CA LEU C 47 20.83 -28.19 5.41
C LEU C 47 21.90 -27.10 5.32
N ILE C 48 22.54 -26.98 4.16
CA ILE C 48 23.63 -26.04 3.95
C ILE C 48 23.27 -25.12 2.80
N TYR C 49 23.43 -23.82 3.01
CA TYR C 49 23.29 -22.83 1.95
C TYR C 49 24.58 -22.04 1.84
N ASP C 50 24.87 -21.57 0.62
CA ASP C 50 26.12 -20.89 0.29
C ASP C 50 27.34 -21.79 0.50
N ALA C 51 27.11 -23.11 0.53
CA ALA C 51 28.15 -24.13 0.58
C ALA C 51 28.90 -24.15 1.90
N SER C 52 28.61 -23.21 2.80
CA SER C 52 29.25 -23.18 4.11
C SER C 52 28.31 -22.90 5.28
N ASN C 53 27.16 -22.27 5.06
CA ASN C 53 26.30 -21.84 6.16
C ASN C 53 25.23 -22.89 6.42
N ARG C 54 25.13 -23.32 7.67
CA ARG C 54 24.13 -24.31 8.06
C ARG C 54 22.78 -23.65 8.28
N ALA C 55 21.72 -24.42 8.05
CA ALA C 55 20.37 -23.91 8.27
C ALA C 55 20.08 -23.82 9.75
N THR C 56 19.25 -22.84 10.12
CA THR C 56 18.88 -22.64 11.52
C THR C 56 17.91 -23.73 11.93
N GLY C 57 18.41 -24.75 12.61
CA GLY C 57 17.57 -25.84 13.06
C GLY C 57 18.18 -27.21 12.82
N ILE C 58 19.37 -27.26 12.24
CA ILE C 58 20.07 -28.52 12.01
C ILE C 58 21.23 -28.62 12.98
N PRO C 59 21.63 -29.83 13.38
CA PRO C 59 22.75 -29.96 14.32
C PRO C 59 24.06 -29.48 13.70
N ALA C 60 25.02 -29.22 14.57
CA ALA C 60 26.33 -28.73 14.15
C ALA C 60 27.18 -29.80 13.48
N ARG C 61 26.70 -31.05 13.40
CA ARG C 61 27.48 -32.11 12.78
C ARG C 61 27.53 -31.99 11.26
N PHE C 62 26.57 -31.27 10.66
CA PHE C 62 26.55 -31.08 9.21
C PHE C 62 27.49 -29.94 8.87
N SER C 63 28.68 -30.28 8.36
CA SER C 63 29.69 -29.30 8.01
C SER C 63 29.78 -29.21 6.49
N GLY C 64 29.50 -28.03 5.95
CA GLY C 64 29.60 -27.78 4.53
C GLY C 64 30.91 -27.07 4.20
N SER C 65 31.60 -27.58 3.19
CA SER C 65 32.88 -27.02 2.80
C SER C 65 32.99 -27.05 1.29
N GLY C 66 34.03 -26.41 0.78
CA GLY C 66 34.28 -26.39 -0.65
C GLY C 66 33.94 -25.04 -1.25
N SER C 67 34.71 -24.65 -2.27
CA SER C 67 34.47 -23.41 -2.98
C SER C 67 35.08 -23.53 -4.37
N GLY C 68 34.24 -23.40 -5.40
CA GLY C 68 34.72 -23.52 -6.76
C GLY C 68 34.13 -24.72 -7.49
N THR C 69 34.97 -25.67 -7.86
CA THR C 69 34.54 -26.83 -8.63
C THR C 69 34.39 -28.09 -7.79
N ASP C 70 34.60 -28.00 -6.48
CA ASP C 70 34.48 -29.16 -5.59
C ASP C 70 33.79 -28.75 -4.30
N PHE C 71 32.81 -29.54 -3.88
CA PHE C 71 32.06 -29.27 -2.66
C PHE C 71 31.94 -30.56 -1.86
N THR C 72 31.89 -30.41 -0.53
CA THR C 72 31.90 -31.55 0.36
C THR C 72 30.93 -31.33 1.50
N LEU C 73 30.06 -32.31 1.74
CA LEU C 73 29.19 -32.33 2.91
C LEU C 73 29.74 -33.34 3.90
N THR C 74 29.98 -32.90 5.13
CA THR C 74 30.60 -33.72 6.15
C THR C 74 29.62 -33.98 7.28
N ILE C 75 29.40 -35.25 7.59
CA ILE C 75 28.62 -35.68 8.76
C ILE C 75 29.53 -36.55 9.59
N SER C 76 29.91 -36.05 10.76
CA SER C 76 30.96 -36.67 11.59
C SER C 76 30.50 -36.81 13.03
N SER C 77 29.30 -37.35 13.23
CA SER C 77 28.76 -37.54 14.58
C SER C 77 28.08 -38.89 14.63
N LEU C 78 27.28 -39.09 15.69
CA LEU C 78 26.65 -40.40 15.92
C LEU C 78 25.75 -40.84 14.78
N GLU C 79 25.24 -39.90 13.98
CA GLU C 79 24.48 -40.21 12.76
C GLU C 79 23.30 -41.13 13.07
N PRO C 80 22.37 -40.72 13.94
CA PRO C 80 21.33 -41.65 14.39
C PRO C 80 20.20 -41.83 13.40
N GLU C 81 19.82 -40.76 12.70
CA GLU C 81 18.69 -40.81 11.78
C GLU C 81 18.96 -40.02 10.50
N ASP C 82 20.22 -39.99 10.07
CA ASP C 82 20.59 -39.31 8.83
C ASP C 82 20.33 -40.15 7.59
N PHE C 83 19.56 -41.24 7.73
CA PHE C 83 19.20 -42.09 6.60
C PHE C 83 18.24 -41.32 5.70
N ALA C 84 18.75 -40.81 4.59
CA ALA C 84 17.97 -40.03 3.64
C ALA C 84 18.81 -39.85 2.37
N VAL C 85 18.25 -39.13 1.41
CA VAL C 85 18.92 -38.81 0.16
C VAL C 85 19.34 -37.35 0.19
N TYR C 86 20.59 -37.08 -0.16
CA TYR C 86 21.16 -35.75 -0.13
C TYR C 86 21.41 -35.26 -1.55
N TYR C 87 20.92 -34.07 -1.86
CA TYR C 87 21.01 -33.51 -3.19
C TYR C 87 21.89 -32.26 -3.21
N CYS C 88 22.52 -32.03 -4.36
CA CYS C 88 23.44 -30.92 -4.57
C CYS C 88 22.77 -29.93 -5.52
N GLN C 89 22.45 -28.75 -5.00
CA GLN C 89 21.77 -27.72 -5.78
C GLN C 89 22.67 -26.52 -5.98
N GLN C 90 22.70 -25.99 -7.20
CA GLN C 90 23.44 -24.79 -7.53
C GLN C 90 22.48 -23.70 -7.98
N ARG C 91 22.87 -22.45 -7.74
CA ARG C 91 22.04 -21.30 -8.08
C ARG C 91 22.87 -20.19 -8.72
N SER C 92 23.76 -20.57 -9.64
CA SER C 92 24.46 -19.56 -10.44
C SER C 92 23.49 -18.84 -11.36
N ASN C 93 22.82 -19.59 -12.23
CA ASN C 93 21.67 -19.06 -12.96
C ASN C 93 20.53 -18.92 -11.97
N TRP C 94 20.29 -17.69 -11.50
CA TRP C 94 19.32 -17.46 -10.43
C TRP C 94 17.95 -18.05 -10.70
N PRO C 95 17.32 -17.83 -11.86
CA PRO C 95 16.00 -18.46 -12.06
C PRO C 95 16.07 -19.95 -12.31
N GLN C 96 17.14 -20.45 -12.92
CA GLN C 96 17.22 -21.83 -13.39
C GLN C 96 18.07 -22.64 -12.42
N TYR C 97 17.42 -23.49 -11.64
CA TYR C 97 18.11 -24.39 -10.71
C TYR C 97 18.41 -25.72 -11.39
N THR C 98 19.52 -26.33 -10.99
CA THR C 98 19.88 -27.67 -11.42
C THR C 98 20.36 -28.46 -10.22
N PHE C 99 19.83 -29.67 -10.06
CA PHE C 99 20.14 -30.53 -8.93
C PHE C 99 21.06 -31.67 -9.35
N GLY C 100 21.69 -32.29 -8.36
CA GLY C 100 22.45 -33.50 -8.59
C GLY C 100 21.57 -34.72 -8.70
N GLN C 101 22.20 -35.87 -8.92
CA GLN C 101 21.46 -37.11 -9.04
C GLN C 101 21.02 -37.66 -7.70
N GLY C 102 21.65 -37.26 -6.61
CA GLY C 102 21.27 -37.71 -5.30
C GLY C 102 22.20 -38.80 -4.77
N THR C 103 22.38 -38.80 -3.46
CA THR C 103 23.24 -39.78 -2.78
C THR C 103 22.43 -40.46 -1.69
N LYS C 104 22.28 -41.78 -1.80
CA LYS C 104 21.58 -42.55 -0.78
C LYS C 104 22.54 -42.87 0.36
N LEU C 105 22.09 -42.61 1.58
CA LEU C 105 22.91 -42.83 2.78
C LEU C 105 22.23 -43.89 3.63
N GLU C 106 22.54 -45.16 3.35
CA GLU C 106 21.99 -46.25 4.13
C GLU C 106 22.66 -46.30 5.51
N ILE C 107 21.92 -46.83 6.49
CA ILE C 107 22.37 -46.78 7.88
C ILE C 107 23.14 -48.02 8.29
N LYS C 108 23.24 -49.04 7.43
CA LYS C 108 23.96 -50.26 7.74
C LYS C 108 24.97 -50.54 6.64
N GLY C 109 26.20 -50.86 7.05
CA GLY C 109 27.26 -51.14 6.10
C GLY C 109 28.66 -50.96 6.68
N SER C 123 6.17 -23.72 12.67
CA SER C 123 5.79 -22.31 12.69
C SER C 123 4.61 -22.06 11.75
N GLU C 124 4.18 -20.80 11.68
CA GLU C 124 3.05 -20.44 10.82
C GLU C 124 3.44 -20.33 9.35
N VAL C 125 4.74 -20.29 9.04
CA VAL C 125 5.18 -20.23 7.66
C VAL C 125 5.00 -21.60 7.02
N GLN C 126 3.92 -21.76 6.26
CA GLN C 126 3.54 -23.07 5.74
C GLN C 126 3.02 -22.92 4.32
N LEU C 127 3.41 -23.85 3.46
CA LEU C 127 2.92 -23.92 2.09
C LEU C 127 2.15 -25.24 1.92
N VAL C 128 0.87 -25.14 1.57
CA VAL C 128 0.03 -26.31 1.35
C VAL C 128 -0.39 -26.31 -0.11
N GLU C 129 -0.31 -27.48 -0.75
CA GLU C 129 -0.59 -27.63 -2.17
C GLU C 129 -1.78 -28.54 -2.37
N SER C 130 -2.67 -28.15 -3.28
CA SER C 130 -3.87 -28.90 -3.60
C SER C 130 -3.81 -29.34 -5.05
N GLY C 131 -4.81 -30.13 -5.45
CA GLY C 131 -4.85 -30.66 -6.80
C GLY C 131 -3.85 -31.79 -6.98
N GLY C 132 -3.88 -32.38 -8.17
CA GLY C 132 -2.96 -33.45 -8.50
C GLY C 132 -3.55 -34.83 -8.30
N GLY C 133 -3.88 -35.50 -9.39
CA GLY C 133 -4.42 -36.84 -9.33
C GLY C 133 -4.21 -37.57 -10.62
N LEU C 134 -4.94 -38.67 -10.79
CA LEU C 134 -4.88 -39.42 -12.02
C LEU C 134 -5.51 -38.62 -13.15
N VAL C 135 -4.76 -38.45 -14.23
CA VAL C 135 -5.19 -37.63 -15.36
C VAL C 135 -4.75 -38.31 -16.65
N LYS C 136 -5.62 -38.25 -17.66
CA LYS C 136 -5.28 -38.81 -18.97
C LYS C 136 -4.15 -38.00 -19.59
N PRO C 137 -3.40 -38.61 -20.53
CA PRO C 137 -2.24 -37.91 -21.11
C PRO C 137 -2.56 -36.57 -21.74
N GLY C 138 -3.50 -36.53 -22.69
CA GLY C 138 -3.78 -35.31 -23.41
C GLY C 138 -4.65 -34.31 -22.70
N ARG C 139 -4.91 -34.49 -21.40
CA ARG C 139 -5.80 -33.60 -20.66
C ARG C 139 -4.99 -32.48 -20.01
N SER C 140 -5.63 -31.74 -19.12
CA SER C 140 -5.01 -30.62 -18.43
C SER C 140 -5.31 -30.71 -16.93
N LEU C 141 -4.47 -30.04 -16.15
CA LEU C 141 -4.60 -30.06 -14.69
C LEU C 141 -3.95 -28.79 -14.15
N ARG C 142 -4.62 -28.16 -13.18
CA ARG C 142 -4.11 -26.96 -12.55
C ARG C 142 -3.86 -27.23 -11.07
N LEU C 143 -2.67 -26.90 -10.60
CA LEU C 143 -2.29 -27.05 -9.21
C LEU C 143 -2.37 -25.70 -8.50
N SER C 144 -2.47 -25.77 -7.18
CA SER C 144 -2.55 -24.58 -6.35
C SER C 144 -1.54 -24.67 -5.21
N CYS C 145 -1.06 -23.50 -4.77
CA CYS C 145 -0.05 -23.42 -3.72
C CYS C 145 -0.48 -22.29 -2.77
N THR C 146 -1.15 -22.65 -1.69
CA THR C 146 -1.65 -21.68 -0.72
C THR C 146 -0.57 -21.35 0.29
N ALA C 147 -0.29 -20.07 0.47
CA ALA C 147 0.73 -19.60 1.39
C ALA C 147 0.11 -19.14 2.70
N SER C 148 0.94 -19.14 3.75
CA SER C 148 0.49 -18.72 5.07
C SER C 148 1.71 -18.39 5.92
N GLY C 149 1.53 -17.47 6.86
CA GLY C 149 2.56 -17.10 7.80
C GLY C 149 3.48 -15.99 7.36
N PHE C 150 3.52 -15.67 6.06
CA PHE C 150 4.38 -14.62 5.56
C PHE C 150 3.60 -13.78 4.55
N THR C 151 4.19 -12.65 4.18
CA THR C 151 3.56 -11.72 3.26
C THR C 151 3.73 -12.24 1.83
N PHE C 152 2.66 -12.79 1.27
CA PHE C 152 2.68 -13.22 -0.12
C PHE C 152 2.57 -12.01 -1.03
N GLY C 153 3.49 -11.90 -1.99
CA GLY C 153 3.60 -10.75 -2.86
C GLY C 153 4.97 -10.09 -2.82
N ASP C 154 5.61 -10.09 -1.65
CA ASP C 154 6.99 -9.65 -1.52
C ASP C 154 7.99 -10.76 -1.78
N TYR C 155 7.52 -11.95 -2.15
CA TYR C 155 8.38 -13.09 -2.44
C TYR C 155 8.07 -13.63 -3.83
N ALA C 156 9.07 -14.25 -4.43
CA ALA C 156 8.87 -15.01 -5.65
C ALA C 156 8.57 -16.47 -5.31
N MET C 157 7.96 -17.17 -6.26
CA MET C 157 7.58 -18.56 -6.07
C MET C 157 8.19 -19.41 -7.18
N SER C 158 8.69 -20.59 -6.81
CA SER C 158 9.28 -21.51 -7.75
C SER C 158 8.62 -22.87 -7.60
N TRP C 159 8.57 -23.62 -8.70
CA TRP C 159 7.96 -24.94 -8.74
C TRP C 159 9.01 -25.99 -9.08
N PHE C 160 9.01 -27.08 -8.31
CA PHE C 160 9.91 -28.21 -8.53
C PHE C 160 9.08 -29.48 -8.63
N ARG C 161 9.65 -30.48 -9.29
CA ARG C 161 9.01 -31.78 -9.42
C ARG C 161 10.04 -32.88 -9.26
N GLN C 162 9.58 -34.03 -8.77
CA GLN C 162 10.44 -35.19 -8.54
C GLN C 162 9.74 -36.42 -9.09
N ALA C 163 10.29 -36.99 -10.16
CA ALA C 163 9.75 -38.22 -10.70
C ALA C 163 9.98 -39.36 -9.72
N PRO C 164 9.10 -40.36 -9.71
CA PRO C 164 9.26 -41.50 -8.79
C PRO C 164 10.58 -42.21 -9.02
N GLY C 165 11.45 -42.15 -8.01
CA GLY C 165 12.74 -42.79 -8.07
C GLY C 165 13.86 -41.95 -8.64
N LYS C 166 13.56 -40.77 -9.17
CA LYS C 166 14.56 -39.89 -9.77
C LYS C 166 14.78 -38.67 -8.88
N GLY C 167 15.66 -37.78 -9.35
CA GLY C 167 16.04 -36.61 -8.59
C GLY C 167 15.10 -35.44 -8.78
N LEU C 168 15.52 -34.29 -8.27
CA LEU C 168 14.73 -33.07 -8.32
C LEU C 168 15.09 -32.24 -9.54
N GLU C 169 14.10 -31.52 -10.06
CA GLU C 169 14.31 -30.59 -11.16
C GLU C 169 13.31 -29.45 -11.04
N TRP C 170 13.72 -28.27 -11.48
CA TRP C 170 12.87 -27.09 -11.39
C TRP C 170 11.92 -27.04 -12.57
N VAL C 171 10.70 -26.57 -12.31
CA VAL C 171 9.66 -26.52 -13.34
C VAL C 171 9.53 -25.10 -13.86
N GLY C 172 9.20 -24.17 -12.98
CA GLY C 172 9.02 -22.79 -13.37
C GLY C 172 9.38 -21.79 -12.29
N PHE C 173 9.13 -20.51 -12.56
CA PHE C 173 9.52 -19.45 -11.63
C PHE C 173 8.69 -18.21 -11.94
N ILE C 174 7.93 -17.74 -10.95
CA ILE C 174 7.13 -16.53 -11.08
C ILE C 174 7.73 -15.46 -10.18
N ARG C 175 7.98 -14.28 -10.75
CA ARG C 175 8.57 -13.17 -10.02
C ARG C 175 7.50 -12.44 -9.22
N SER C 176 7.96 -11.68 -8.22
CA SER C 176 7.06 -10.90 -7.40
C SER C 176 6.50 -9.72 -8.19
N LYS C 177 5.52 -9.04 -7.61
CA LYS C 177 4.93 -7.88 -8.24
C LYS C 177 5.93 -6.74 -8.39
N ALA C 178 6.95 -6.68 -7.53
CA ALA C 178 7.90 -5.58 -7.57
C ALA C 178 8.80 -5.65 -8.79
N TYR C 179 9.04 -6.84 -9.33
CA TYR C 179 9.96 -7.03 -10.45
C TYR C 179 9.23 -7.55 -11.68
N GLY C 180 8.06 -7.00 -11.97
CA GLY C 180 7.33 -7.29 -13.19
C GLY C 180 6.41 -8.48 -13.10
N GLY C 181 6.72 -9.46 -12.27
CA GLY C 181 5.89 -10.65 -12.18
C GLY C 181 5.93 -11.52 -13.42
N THR C 182 7.08 -11.62 -14.08
CA THR C 182 7.19 -12.45 -15.27
C THR C 182 7.50 -13.89 -14.88
N THR C 183 7.33 -14.78 -15.86
CA THR C 183 7.48 -16.22 -15.63
C THR C 183 8.58 -16.77 -16.51
N GLU C 184 9.37 -17.70 -15.94
CA GLU C 184 10.38 -18.44 -16.68
C GLU C 184 10.17 -19.93 -16.41
N TYR C 185 10.42 -20.74 -17.43
CA TYR C 185 10.18 -22.17 -17.37
C TYR C 185 11.40 -22.93 -17.85
N ALA C 186 11.44 -24.22 -17.50
CA ALA C 186 12.48 -25.10 -18.00
C ALA C 186 12.18 -25.50 -19.44
N ALA C 187 13.23 -25.93 -20.14
CA ALA C 187 13.09 -26.26 -21.56
C ALA C 187 12.10 -27.41 -21.78
N SER C 188 11.93 -28.26 -20.78
CA SER C 188 11.02 -29.40 -20.90
C SER C 188 9.56 -29.02 -20.69
N VAL C 189 9.27 -27.82 -20.21
CA VAL C 189 7.90 -27.44 -19.87
C VAL C 189 7.51 -26.13 -20.55
N LYS C 190 8.37 -25.63 -21.43
CA LYS C 190 8.07 -24.37 -22.12
C LYS C 190 6.91 -24.56 -23.10
N GLY C 191 5.94 -23.66 -23.03
CA GLY C 191 4.76 -23.73 -23.88
C GLY C 191 3.68 -24.65 -23.39
N ARG C 192 4.00 -25.59 -22.50
CA ARG C 192 3.03 -26.54 -21.97
C ARG C 192 2.51 -26.15 -20.60
N PHE C 193 3.36 -25.63 -19.72
CA PHE C 193 2.97 -25.24 -18.38
C PHE C 193 2.88 -23.72 -18.27
N THR C 194 1.92 -23.26 -17.47
CA THR C 194 1.71 -21.85 -17.23
C THR C 194 1.58 -21.61 -15.74
N ILE C 195 2.32 -20.64 -15.22
CA ILE C 195 2.32 -20.30 -13.79
C ILE C 195 1.64 -18.95 -13.63
N SER C 196 0.65 -18.89 -12.73
CA SER C 196 -0.07 -17.67 -12.43
C SER C 196 0.16 -17.29 -10.97
N ARG C 197 -0.22 -16.07 -10.63
CA ARG C 197 -0.02 -15.54 -9.29
C ARG C 197 -1.25 -14.75 -8.88
N ASP C 198 -1.70 -14.96 -7.65
CA ASP C 198 -2.87 -14.27 -7.10
C ASP C 198 -2.52 -13.82 -5.68
N ASP C 199 -2.08 -12.56 -5.56
CA ASP C 199 -1.64 -12.03 -4.27
C ASP C 199 -2.80 -11.70 -3.35
N SER C 200 -4.00 -11.49 -3.90
CA SER C 200 -5.13 -11.10 -3.06
C SER C 200 -5.51 -12.20 -2.08
N LYS C 201 -5.41 -13.46 -2.51
CA LYS C 201 -5.73 -14.60 -1.65
C LYS C 201 -4.50 -15.46 -1.35
N SER C 202 -3.31 -15.00 -1.72
CA SER C 202 -2.05 -15.67 -1.41
C SER C 202 -2.03 -17.11 -1.89
N ILE C 203 -2.13 -17.27 -3.21
CA ILE C 203 -2.15 -18.59 -3.84
C ILE C 203 -1.40 -18.51 -5.16
N ALA C 204 -0.67 -19.58 -5.49
CA ALA C 204 0.06 -19.69 -6.74
C ALA C 204 -0.50 -20.85 -7.54
N TYR C 205 -0.53 -20.70 -8.87
CA TYR C 205 -1.12 -21.69 -9.76
C TYR C 205 -0.10 -22.21 -10.74
N LEU C 206 -0.30 -23.46 -11.17
CA LEU C 206 0.51 -24.08 -12.22
C LEU C 206 -0.46 -24.74 -13.20
N GLN C 207 -0.72 -24.07 -14.32
CA GLN C 207 -1.61 -24.61 -15.34
C GLN C 207 -0.82 -25.53 -16.25
N MET C 208 -1.07 -26.83 -16.14
CA MET C 208 -0.40 -27.83 -16.95
C MET C 208 -1.31 -28.22 -18.11
N ASN C 209 -0.81 -28.06 -19.33
CA ASN C 209 -1.57 -28.39 -20.54
C ASN C 209 -0.75 -29.32 -21.41
N SER C 210 -1.45 -30.20 -22.13
CA SER C 210 -0.83 -31.17 -23.03
C SER C 210 0.19 -32.02 -22.28
N LEU C 211 -0.31 -32.75 -21.29
CA LEU C 211 0.54 -33.58 -20.45
C LEU C 211 1.03 -34.80 -21.22
N LYS C 212 1.98 -35.51 -20.60
CA LYS C 212 2.52 -36.73 -21.17
C LYS C 212 2.97 -37.64 -20.04
N THR C 213 3.29 -38.89 -20.39
CA THR C 213 3.68 -39.87 -19.39
C THR C 213 4.93 -39.46 -18.63
N GLU C 214 5.76 -38.60 -19.21
CA GLU C 214 6.98 -38.14 -18.55
C GLU C 214 6.71 -37.16 -17.42
N ASP C 215 5.48 -36.66 -17.29
CA ASP C 215 5.15 -35.68 -16.28
C ASP C 215 4.73 -36.31 -14.95
N THR C 216 4.78 -37.63 -14.84
CA THR C 216 4.46 -38.29 -13.58
C THR C 216 5.51 -37.93 -12.55
N ALA C 217 5.14 -37.10 -11.58
CA ALA C 217 6.09 -36.63 -10.58
C ALA C 217 5.32 -36.01 -9.42
N VAL C 218 6.02 -35.77 -8.32
CA VAL C 218 5.49 -35.06 -7.17
C VAL C 218 5.93 -33.61 -7.28
N TYR C 219 4.97 -32.70 -7.42
CA TYR C 219 5.26 -31.29 -7.65
C TYR C 219 5.28 -30.52 -6.35
N TYR C 220 6.31 -29.70 -6.16
CA TYR C 220 6.47 -28.86 -4.98
C TYR C 220 6.46 -27.39 -5.39
N CYS C 221 6.02 -26.53 -4.48
CA CYS C 221 6.17 -25.09 -4.62
C CYS C 221 7.04 -24.57 -3.47
N THR C 222 7.92 -23.62 -3.80
CA THR C 222 8.93 -23.14 -2.87
C THR C 222 8.96 -21.63 -2.88
N ARG C 223 9.15 -21.04 -1.70
CA ARG C 223 9.34 -19.60 -1.59
C ARG C 223 10.72 -19.21 -2.10
N ASP C 224 10.79 -18.04 -2.73
CA ASP C 224 12.03 -17.58 -3.34
C ASP C 224 12.44 -16.21 -2.83
N ARG C 225 13.39 -15.57 -3.52
CA ARG C 225 14.04 -14.34 -3.09
C ARG C 225 13.06 -13.34 -2.51
N TYR C 226 13.41 -12.80 -1.35
CA TYR C 226 12.63 -11.74 -0.72
C TYR C 226 12.85 -10.43 -1.49
N ALA C 227 11.76 -9.86 -2.01
CA ALA C 227 11.90 -8.65 -2.81
C ALA C 227 12.27 -7.44 -1.96
N ARG C 228 11.96 -7.47 -0.67
CA ARG C 228 12.24 -6.35 0.23
C ARG C 228 13.69 -6.46 0.68
N TYR C 229 14.61 -5.92 -0.13
CA TYR C 229 16.02 -5.98 0.19
C TYR C 229 16.45 -4.93 1.21
N ASP C 230 15.58 -3.97 1.54
CA ASP C 230 15.91 -3.01 2.59
C ASP C 230 16.01 -3.68 3.95
N ILE C 231 15.31 -4.80 4.14
CA ILE C 231 15.42 -5.54 5.39
C ILE C 231 16.65 -6.43 5.37
N LEU C 232 16.99 -7.00 4.21
CA LEU C 232 18.11 -7.92 4.10
C LEU C 232 19.47 -7.25 4.20
N THR C 233 19.52 -5.92 4.12
CA THR C 233 20.82 -5.23 4.19
C THR C 233 21.39 -5.29 5.59
N GLY C 234 20.58 -4.98 6.60
CA GLY C 234 21.02 -5.00 7.98
C GLY C 234 21.09 -6.36 8.63
N LEU C 235 20.94 -7.44 7.86
CA LEU C 235 20.93 -8.80 8.38
C LEU C 235 22.20 -9.51 7.96
N SER C 236 22.84 -10.18 8.91
CA SER C 236 24.03 -10.96 8.60
C SER C 236 23.64 -12.20 7.79
N PRO C 237 24.49 -12.63 6.84
CA PRO C 237 24.12 -13.77 6.00
C PRO C 237 23.95 -15.07 6.77
N ALA C 238 24.69 -15.26 7.86
CA ALA C 238 24.62 -16.49 8.64
C ALA C 238 23.63 -16.40 9.79
N GLY C 239 23.02 -15.25 10.03
CA GLY C 239 22.11 -15.08 11.14
C GLY C 239 20.81 -15.83 10.96
N ALA C 240 20.07 -15.93 12.07
CA ALA C 240 18.78 -16.62 12.03
C ALA C 240 17.71 -15.78 11.36
N ASP C 241 17.84 -14.45 11.38
CA ASP C 241 16.85 -13.60 10.73
C ASP C 241 16.95 -13.70 9.20
N TYR C 242 18.17 -13.83 8.68
CA TYR C 242 18.34 -13.96 7.23
C TYR C 242 17.69 -15.24 6.72
N PHE C 243 17.86 -16.35 7.44
CA PHE C 243 17.25 -17.60 7.03
C PHE C 243 15.73 -17.53 7.12
N TYR C 244 15.21 -16.84 8.13
CA TYR C 244 13.77 -16.73 8.29
C TYR C 244 13.13 -15.87 7.21
N TYR C 245 13.85 -14.86 6.72
CA TYR C 245 13.30 -13.92 5.75
C TYR C 245 13.68 -14.25 4.31
N ALA C 246 14.92 -14.67 4.06
CA ALA C 246 15.42 -14.78 2.69
C ALA C 246 15.39 -16.19 2.13
N MET C 247 15.60 -17.21 2.96
CA MET C 247 15.84 -18.56 2.44
C MET C 247 14.52 -19.23 2.06
N ASP C 248 14.59 -20.52 1.73
CA ASP C 248 13.51 -21.24 1.09
C ASP C 248 12.54 -21.84 2.10
N VAL C 249 11.31 -22.04 1.66
CA VAL C 249 10.28 -22.76 2.41
C VAL C 249 9.63 -23.74 1.46
N TRP C 250 9.66 -25.02 1.82
CA TRP C 250 9.12 -26.08 0.99
C TRP C 250 7.82 -26.61 1.59
N GLY C 251 6.85 -26.88 0.73
CA GLY C 251 5.58 -27.43 1.14
C GLY C 251 5.43 -28.89 0.74
N GLN C 252 4.41 -29.52 1.32
CA GLN C 252 4.12 -30.91 1.01
C GLN C 252 3.63 -31.02 -0.43
N GLY C 253 4.29 -31.86 -1.21
CA GLY C 253 3.98 -31.95 -2.62
C GLY C 253 2.68 -32.69 -2.91
N THR C 254 2.30 -32.66 -4.18
CA THR C 254 1.13 -33.37 -4.67
C THR C 254 1.54 -34.29 -5.80
N THR C 255 1.01 -35.51 -5.78
CA THR C 255 1.35 -36.51 -6.79
C THR C 255 0.44 -36.36 -7.99
N VAL C 256 1.05 -36.21 -9.17
CA VAL C 256 0.32 -36.10 -10.43
C VAL C 256 0.64 -37.34 -11.25
N THR C 257 -0.33 -38.24 -11.36
CA THR C 257 -0.18 -39.48 -12.10
C THR C 257 -0.87 -39.36 -13.45
N VAL C 258 -0.13 -39.61 -14.52
CA VAL C 258 -0.64 -39.53 -15.89
C VAL C 258 -0.35 -40.84 -16.59
N SER C 259 -1.40 -41.54 -17.00
CA SER C 259 -1.26 -42.83 -17.67
C SER C 259 -2.58 -43.16 -18.35
N SER C 260 -2.56 -44.23 -19.14
CA SER C 260 -3.73 -44.67 -19.89
C SER C 260 -4.86 -45.09 -18.96
#